data_4GDY
#
_entry.id   4GDY
#
_cell.length_a   116.457
_cell.length_b   116.457
_cell.length_c   115.211
_cell.angle_alpha   90.000
_cell.angle_beta   90.000
_cell.angle_gamma   120.000
#
_symmetry.space_group_name_H-M   'P 32 2 1'
#
loop_
_entity.id
_entity.type
_entity.pdbx_description
1 polymer 'Kynurenine/alpha-aminoadipate aminotransferase, mitochondrial'
2 non-polymer '(5-hydroxy-6-methyl-4-{[(1-oxo-7-phenoxy-1,2-dihydro[1,2,4]triazolo[4,3-a]quinolin-4-yl)amino]methyl}pyridin-3-yl)methyl dihydrogen phosphate'
3 water water
#
_entity_poly.entity_id   1
_entity_poly.type   'polypeptide(L)'
_entity_poly.pdbx_seq_one_letter_code
;MNYARFITAASAARNPSPIRTMTDILSRGPKSMISLAGGLPNPNMFPFKTAVITVENGKTIQFGEEMMKRALQYSPSAGI
PELLSWLKQLQIKLHNPPTIHYPPSQGQMDLCVTSGSQQGLCKVFEMIINPGDNVLLDEPAYSGTLQSLHPLGCNIINVA
SDESGIVPDSLRDILSRWKPEDAKNPQKNTPKFLYTVPNGNNPTGNSLTSERKKEIYELARKYDFLIIEDDPYYFLQFNS
GRVPTFLSMDVDGRVIRADSFSKIISSGLRIGFLTGPKPLIERVILHIQVSTLHPSTFNQLMISQLLHEWGEEGFMAHVD
RVIDFYSNQKDAILAAADKWLTGLAEWHVPAAGMFLWIKVKGINDVKELIEEKAVKMGVLMLPGNAFYVDSSAPSPYLRA
SFSSASPEQMDVAFQVLAQLIKESLLVPRGSLEHHHHHH
;
_entity_poly.pdbx_strand_id   A,B
#
loop_
_chem_comp.id
_chem_comp.type
_chem_comp.name
_chem_comp.formula
0X1 non-polymer '(5-hydroxy-6-methyl-4-{[(1-oxo-7-phenoxy-1,2-dihydro[1,2,4]triazolo[4,3-a]quinolin-4-yl)amino]methyl}pyridin-3-yl)methyl dihydrogen phosphate' 'C24 H22 N5 O7 P'
#
# COMPACT_ATOMS: atom_id res chain seq x y z
N MET A 1 26.51 9.68 -10.68
CA MET A 1 25.14 10.17 -10.52
C MET A 1 24.91 10.83 -9.15
N ASN A 2 24.45 12.09 -9.15
CA ASN A 2 24.11 12.81 -7.92
C ASN A 2 22.63 12.55 -7.66
N TYR A 3 22.35 11.46 -6.95
CA TYR A 3 20.98 11.05 -6.65
C TYR A 3 20.23 12.06 -5.77
N ALA A 4 20.99 12.90 -5.02
CA ALA A 4 20.48 13.95 -4.12
C ALA A 4 19.50 14.93 -4.77
N ARG A 5 19.63 15.16 -6.09
CA ARG A 5 18.74 16.04 -6.82
C ARG A 5 17.40 15.39 -7.21
N PHE A 6 17.28 14.05 -6.99
CA PHE A 6 16.08 13.27 -7.32
C PHE A 6 15.34 12.75 -6.08
N ILE A 7 15.87 13.03 -4.89
CA ILE A 7 15.26 12.64 -3.61
C ILE A 7 14.71 13.92 -2.96
N THR A 8 13.44 13.94 -2.51
CA THR A 8 12.91 15.15 -1.84
C THR A 8 13.47 15.31 -0.38
N ALA A 9 13.17 16.46 0.25
CA ALA A 9 13.58 16.68 1.65
C ALA A 9 12.87 15.66 2.58
N ALA A 10 11.58 15.36 2.28
CA ALA A 10 10.77 14.39 3.01
C ALA A 10 11.33 12.96 2.84
N SER A 11 11.69 12.58 1.61
CA SER A 11 12.22 11.25 1.30
C SER A 11 13.55 11.04 2.00
N ALA A 12 14.48 12.04 1.96
CA ALA A 12 15.79 11.97 2.61
C ALA A 12 15.68 11.74 4.12
N ALA A 13 14.73 12.44 4.76
CA ALA A 13 14.42 12.39 6.20
C ALA A 13 14.15 11.00 6.75
N ARG A 14 13.51 10.11 5.96
CA ARG A 14 13.15 8.75 6.32
C ARG A 14 14.33 7.93 6.86
N ASN A 15 14.08 7.24 7.99
CA ASN A 15 15.08 6.39 8.65
C ASN A 15 14.56 4.92 8.78
N PRO A 16 15.47 3.92 8.92
CA PRO A 16 14.99 2.53 9.03
C PRO A 16 14.31 2.26 10.38
N SER A 17 13.43 1.25 10.41
CA SER A 17 12.69 0.87 11.61
C SER A 17 13.63 0.33 12.66
N PRO A 18 13.42 0.70 13.94
CA PRO A 18 14.32 0.22 15.01
C PRO A 18 14.19 -1.27 15.36
N ILE A 19 13.08 -1.92 14.93
CA ILE A 19 12.78 -3.33 15.18
C ILE A 19 13.05 -4.18 13.91
N ARG A 20 13.82 -3.65 12.92
CA ARG A 20 14.11 -4.35 11.67
C ARG A 20 15.46 -4.01 10.94
N THR A 21 16.68 -4.21 11.52
CA THR A 21 17.16 -4.62 12.86
C THR A 21 16.48 -5.81 13.58
N MET A 22 17.14 -6.33 14.63
CA MET A 22 16.69 -7.49 15.44
C MET A 22 16.64 -8.78 14.60
N THR A 23 15.74 -8.80 13.59
CA THR A 23 15.51 -9.88 12.64
C THR A 23 16.62 -9.93 11.59
N LYS A 31 21.51 -19.40 16.95
CA LYS A 31 20.20 -19.99 16.66
C LYS A 31 19.37 -20.37 17.90
N SER A 32 19.99 -20.32 19.11
CA SER A 32 19.31 -20.60 20.38
C SER A 32 19.04 -19.29 21.16
N MET A 33 18.63 -18.24 20.42
CA MET A 33 18.28 -16.90 20.90
C MET A 33 16.92 -16.92 21.58
N ILE A 34 16.78 -16.15 22.66
CA ILE A 34 15.47 -16.00 23.29
C ILE A 34 14.99 -14.61 22.86
N SER A 35 13.97 -14.55 21.99
CA SER A 35 13.44 -13.29 21.49
C SER A 35 12.18 -12.76 22.22
N LEU A 36 12.37 -11.67 22.97
CA LEU A 36 11.31 -10.92 23.67
C LEU A 36 11.30 -9.52 23.08
N ALA A 37 11.94 -9.38 21.90
CA ALA A 37 12.08 -8.12 21.19
C ALA A 37 10.85 -7.81 20.40
N GLY A 38 10.73 -8.47 19.25
CA GLY A 38 9.66 -8.33 18.28
C GLY A 38 8.28 -8.68 18.78
N GLY A 39 7.38 -7.74 18.55
CA GLY A 39 5.96 -7.84 18.85
C GLY A 39 5.16 -8.56 17.77
N LEU A 40 5.67 -9.71 17.31
CA LEU A 40 4.99 -10.55 16.33
C LEU A 40 3.88 -11.32 17.06
N PRO A 41 2.65 -11.33 16.50
CA PRO A 41 1.56 -12.07 17.17
C PRO A 41 1.80 -13.58 17.14
N ASN A 42 1.23 -14.33 18.09
CA ASN A 42 1.40 -15.76 18.09
C ASN A 42 0.64 -16.43 16.91
N PRO A 43 1.38 -17.14 16.02
CA PRO A 43 0.71 -17.77 14.87
C PRO A 43 -0.16 -19.00 15.22
N ASN A 44 0.04 -19.59 16.41
CA ASN A 44 -0.77 -20.72 16.85
C ASN A 44 -2.21 -20.29 17.20
N MET A 45 -2.52 -18.99 17.05
CA MET A 45 -3.83 -18.37 17.33
C MET A 45 -4.63 -18.10 16.06
N PHE A 46 -3.95 -18.10 14.91
CA PHE A 46 -4.53 -17.81 13.60
C PHE A 46 -5.49 -18.91 13.17
N PRO A 47 -6.70 -18.55 12.68
CA PRO A 47 -7.70 -19.60 12.35
C PRO A 47 -7.45 -20.47 11.12
N PHE A 48 -6.67 -19.98 10.13
CA PHE A 48 -6.39 -20.76 8.93
C PHE A 48 -5.22 -21.73 9.22
N LYS A 49 -5.40 -23.02 8.89
CA LYS A 49 -4.44 -24.05 9.27
C LYS A 49 -3.56 -24.66 8.18
N THR A 50 -4.16 -25.04 7.02
CA THR A 50 -3.49 -25.65 5.86
C THR A 50 -4.19 -25.20 4.59
N ALA A 51 -3.49 -25.23 3.45
CA ALA A 51 -4.10 -24.83 2.19
C ALA A 51 -3.60 -25.66 1.04
N VAL A 52 -4.51 -25.93 0.08
CA VAL A 52 -4.21 -26.67 -1.13
C VAL A 52 -4.91 -25.99 -2.29
N ILE A 53 -4.10 -25.44 -3.20
CA ILE A 53 -4.50 -24.72 -4.39
C ILE A 53 -4.14 -25.54 -5.62
N THR A 54 -5.15 -25.80 -6.50
CA THR A 54 -4.95 -26.52 -7.75
C THR A 54 -4.49 -25.54 -8.84
N VAL A 55 -3.64 -26.03 -9.77
CA VAL A 55 -3.03 -25.23 -10.86
C VAL A 55 -3.44 -25.80 -12.27
N GLU A 56 -2.83 -25.29 -13.36
CA GLU A 56 -3.07 -25.72 -14.75
C GLU A 56 -2.00 -26.76 -15.24
N ASN A 57 -2.21 -28.08 -15.09
CA ASN A 57 -3.36 -28.78 -14.51
C ASN A 57 -2.85 -30.04 -13.82
N GLY A 58 -3.53 -30.45 -12.74
CA GLY A 58 -3.16 -31.62 -11.96
C GLY A 58 -2.02 -31.27 -11.03
N LYS A 59 -1.38 -30.12 -11.28
CA LYS A 59 -0.30 -29.54 -10.49
C LYS A 59 -0.95 -28.98 -9.22
N THR A 60 -0.25 -29.10 -8.09
CA THR A 60 -0.78 -28.70 -6.80
C THR A 60 0.22 -27.99 -5.90
N ILE A 61 -0.16 -26.79 -5.43
CA ILE A 61 0.55 -25.98 -4.44
C ILE A 61 -0.03 -26.36 -3.07
N GLN A 62 0.84 -26.55 -2.06
CA GLN A 62 0.39 -26.93 -0.71
C GLN A 62 1.05 -26.15 0.39
N PHE A 63 0.25 -25.59 1.28
CA PHE A 63 0.78 -24.92 2.45
C PHE A 63 0.47 -25.82 3.64
N GLY A 64 1.51 -26.47 4.17
CA GLY A 64 1.41 -27.32 5.34
C GLY A 64 1.28 -26.51 6.61
N GLU A 65 1.22 -27.20 7.77
CA GLU A 65 1.06 -26.59 9.08
C GLU A 65 1.99 -25.38 9.32
N GLU A 66 3.28 -25.58 9.06
CA GLU A 66 4.32 -24.56 9.26
C GLU A 66 4.38 -23.49 8.18
N MET A 67 4.20 -23.88 6.89
CA MET A 67 4.18 -22.97 5.73
C MET A 67 3.03 -21.95 5.90
N MET A 68 1.86 -22.42 6.41
CA MET A 68 0.68 -21.59 6.68
C MET A 68 0.99 -20.57 7.77
N LYS A 69 1.68 -20.97 8.85
CA LYS A 69 2.06 -20.07 9.93
C LYS A 69 2.97 -18.97 9.40
N ARG A 70 3.88 -19.31 8.47
CA ARG A 70 4.76 -18.35 7.84
C ARG A 70 3.94 -17.37 6.97
N ALA A 71 3.04 -17.91 6.12
CA ALA A 71 2.17 -17.17 5.21
C ALA A 71 1.26 -16.16 5.89
N LEU A 72 0.77 -16.48 7.10
CA LEU A 72 -0.15 -15.63 7.85
C LEU A 72 0.53 -14.62 8.78
N GLN A 73 1.88 -14.61 8.78
CA GLN A 73 2.72 -13.75 9.62
C GLN A 73 3.43 -12.62 8.84
N TYR A 74 3.89 -11.55 9.56
CA TYR A 74 4.67 -10.43 8.99
C TYR A 74 5.93 -10.96 8.26
N SER A 75 6.39 -10.20 7.26
CA SER A 75 7.59 -10.55 6.47
C SER A 75 8.35 -9.27 6.02
N PRO A 76 9.64 -9.36 5.56
CA PRO A 76 10.39 -8.14 5.18
C PRO A 76 9.71 -7.20 4.17
N SER A 77 9.95 -5.89 4.33
CA SER A 77 9.42 -4.81 3.50
C SER A 77 9.68 -4.98 2.01
N ALA A 78 10.90 -5.40 1.63
CA ALA A 78 11.33 -5.57 0.24
C ALA A 78 10.76 -6.82 -0.46
N GLY A 79 10.27 -7.78 0.32
CA GLY A 79 9.71 -9.04 -0.16
C GLY A 79 10.35 -10.23 0.52
N ILE A 80 9.75 -11.42 0.34
CA ILE A 80 10.30 -12.67 0.88
C ILE A 80 11.61 -13.01 0.14
N PRO A 81 12.68 -13.47 0.85
CA PRO A 81 13.98 -13.70 0.17
C PRO A 81 13.96 -14.55 -1.09
N GLU A 82 13.22 -15.67 -1.08
CA GLU A 82 13.11 -16.58 -2.22
C GLU A 82 12.49 -15.94 -3.45
N LEU A 83 11.49 -15.04 -3.27
CA LEU A 83 10.88 -14.31 -4.40
C LEU A 83 11.87 -13.32 -4.99
N LEU A 84 12.52 -12.52 -4.13
CA LEU A 84 13.51 -11.52 -4.52
C LEU A 84 14.69 -12.10 -5.29
N SER A 85 15.25 -13.25 -4.85
CA SER A 85 16.37 -13.87 -5.57
C SER A 85 15.97 -14.40 -6.95
N TRP A 86 14.74 -14.97 -7.07
CA TRP A 86 14.22 -15.52 -8.32
C TRP A 86 14.02 -14.42 -9.36
N LEU A 87 13.45 -13.29 -8.92
CA LEU A 87 13.19 -12.14 -9.77
C LEU A 87 14.47 -11.45 -10.24
N LYS A 88 15.50 -11.35 -9.37
CA LYS A 88 16.82 -10.80 -9.68
C LYS A 88 17.46 -11.55 -10.86
N GLN A 89 17.39 -12.89 -10.82
CA GLN A 89 17.92 -13.80 -11.82
C GLN A 89 17.19 -13.64 -13.15
N LEU A 90 15.86 -13.41 -13.09
CA LEU A 90 15.05 -13.20 -14.28
C LEU A 90 15.47 -11.91 -14.98
N GLN A 91 15.66 -10.81 -14.20
CA GLN A 91 16.10 -9.50 -14.67
C GLN A 91 17.46 -9.60 -15.33
N ILE A 92 18.36 -10.43 -14.76
CA ILE A 92 19.69 -10.67 -15.34
C ILE A 92 19.59 -11.41 -16.72
N LYS A 93 18.79 -12.51 -16.82
CA LYS A 93 18.68 -13.22 -18.10
C LYS A 93 17.96 -12.46 -19.19
N LEU A 94 17.02 -11.61 -18.80
CA LEU A 94 16.22 -10.86 -19.74
C LEU A 94 16.85 -9.53 -20.12
N HIS A 95 17.45 -8.81 -19.17
CA HIS A 95 17.97 -7.47 -19.43
C HIS A 95 19.46 -7.26 -19.23
N ASN A 96 20.17 -8.18 -18.53
CA ASN A 96 21.60 -8.08 -18.22
C ASN A 96 22.00 -6.59 -18.04
N PRO A 97 21.47 -5.93 -16.99
CA PRO A 97 21.76 -4.50 -16.81
C PRO A 97 23.23 -4.21 -16.53
N PRO A 98 23.79 -3.11 -17.07
CA PRO A 98 25.20 -2.80 -16.81
C PRO A 98 25.53 -2.58 -15.32
N THR A 99 24.54 -2.12 -14.54
CA THR A 99 24.64 -1.74 -13.13
C THR A 99 24.80 -2.85 -12.08
N ILE A 100 24.70 -4.14 -12.45
CA ILE A 100 24.77 -5.28 -11.53
C ILE A 100 25.90 -5.23 -10.49
N HIS A 101 27.16 -5.15 -10.95
CA HIS A 101 28.32 -5.16 -10.04
C HIS A 101 28.93 -3.82 -9.68
N TYR A 102 28.23 -2.72 -10.00
CA TYR A 102 28.64 -1.36 -9.67
C TYR A 102 28.64 -1.16 -8.13
N PRO A 103 29.45 -0.25 -7.54
CA PRO A 103 29.36 -0.01 -6.09
C PRO A 103 27.96 0.50 -5.70
N PRO A 104 27.41 0.13 -4.52
CA PRO A 104 26.04 0.57 -4.15
C PRO A 104 25.72 2.05 -4.38
N SER A 105 26.66 2.95 -4.00
CA SER A 105 26.57 4.42 -4.16
C SER A 105 26.64 4.86 -5.63
N GLN A 106 27.22 4.03 -6.52
CA GLN A 106 27.31 4.32 -7.96
C GLN A 106 26.05 3.90 -8.75
N GLY A 107 25.03 3.42 -8.05
CA GLY A 107 23.77 3.00 -8.65
C GLY A 107 23.60 1.53 -8.93
N GLN A 108 24.09 0.67 -8.01
CA GLN A 108 23.97 -0.79 -8.11
C GLN A 108 22.50 -1.25 -8.26
N MET A 109 22.26 -2.24 -9.15
CA MET A 109 20.92 -2.78 -9.40
C MET A 109 20.33 -3.40 -8.15
N ASP A 110 19.14 -2.93 -7.78
CA ASP A 110 18.40 -3.42 -6.63
C ASP A 110 16.93 -3.61 -7.01
N LEU A 111 16.22 -4.47 -6.26
CA LEU A 111 14.83 -4.86 -6.49
C LEU A 111 14.00 -4.84 -5.24
N CYS A 112 12.69 -4.65 -5.43
CA CYS A 112 11.73 -4.79 -4.35
C CYS A 112 10.34 -5.16 -4.84
N VAL A 113 9.66 -6.04 -4.09
CA VAL A 113 8.31 -6.48 -4.38
C VAL A 113 7.38 -5.39 -3.81
N THR A 114 6.40 -4.96 -4.63
CA THR A 114 5.43 -3.92 -4.25
C THR A 114 4.01 -4.48 -4.32
N SER A 115 3.04 -3.79 -3.72
CA SER A 115 1.64 -4.24 -3.73
C SER A 115 0.98 -3.79 -5.03
N GLY A 116 1.41 -4.43 -6.12
CA GLY A 116 1.10 -4.12 -7.50
C GLY A 116 2.20 -3.23 -8.04
N SER A 117 2.30 -3.00 -9.38
CA SER A 117 3.32 -2.09 -9.93
C SER A 117 2.96 -0.62 -9.67
N GLN A 118 1.66 -0.34 -9.40
CA GLN A 118 1.11 0.97 -9.12
C GLN A 118 1.71 1.57 -7.83
N GLN A 119 1.99 0.72 -6.83
CA GLN A 119 2.55 1.15 -5.56
C GLN A 119 3.97 1.67 -5.74
N GLY A 120 4.76 0.95 -6.53
CA GLY A 120 6.13 1.33 -6.85
C GLY A 120 6.18 2.67 -7.56
N LEU A 121 5.36 2.81 -8.63
CA LEU A 121 5.22 4.03 -9.41
C LEU A 121 4.85 5.23 -8.51
N CYS A 122 3.86 5.03 -7.61
CA CYS A 122 3.37 6.02 -6.66
C CYS A 122 4.49 6.54 -5.74
N LYS A 123 5.21 5.62 -5.06
CA LYS A 123 6.29 5.94 -4.13
C LYS A 123 7.44 6.65 -4.83
N VAL A 124 7.69 6.28 -6.12
CA VAL A 124 8.73 6.87 -6.97
C VAL A 124 8.35 8.32 -7.33
N PHE A 125 7.09 8.55 -7.74
CA PHE A 125 6.60 9.87 -8.08
C PHE A 125 6.68 10.80 -6.86
N GLU A 126 6.30 10.29 -5.66
CA GLU A 126 6.30 11.02 -4.38
C GLU A 126 7.72 11.36 -3.88
N MET A 127 8.72 10.52 -4.22
CA MET A 127 10.13 10.68 -3.84
C MET A 127 10.76 11.84 -4.63
N ILE A 128 10.39 11.95 -5.90
CA ILE A 128 10.95 12.93 -6.83
C ILE A 128 10.28 14.31 -6.83
N ILE A 129 8.95 14.36 -7.11
CA ILE A 129 8.17 15.60 -7.30
C ILE A 129 7.99 16.56 -6.13
N ASN A 130 8.43 17.80 -6.35
CA ASN A 130 8.23 18.96 -5.48
C ASN A 130 7.24 19.85 -6.25
N PRO A 131 6.31 20.57 -5.58
CA PRO A 131 5.36 21.40 -6.35
C PRO A 131 6.06 22.41 -7.25
N GLY A 132 5.76 22.35 -8.54
CA GLY A 132 6.31 23.21 -9.58
C GLY A 132 7.42 22.62 -10.44
N ASP A 133 7.71 21.31 -10.27
CA ASP A 133 8.74 20.59 -11.03
C ASP A 133 8.24 20.24 -12.42
N ASN A 134 9.15 20.22 -13.41
CA ASN A 134 8.79 19.88 -14.77
C ASN A 134 8.98 18.37 -14.99
N VAL A 135 7.98 17.72 -15.60
CA VAL A 135 8.02 16.28 -15.91
C VAL A 135 7.63 16.03 -17.37
N LEU A 136 8.34 15.08 -18.02
CA LEU A 136 8.13 14.72 -19.41
C LEU A 136 7.31 13.46 -19.54
N LEU A 137 6.28 13.53 -20.39
CA LEU A 137 5.30 12.47 -20.61
C LEU A 137 4.71 12.60 -22.03
N ASP A 138 4.14 11.50 -22.56
CA ASP A 138 3.50 11.48 -23.87
C ASP A 138 1.98 11.23 -23.77
N GLU A 139 1.19 12.18 -24.28
CA GLU A 139 -0.28 12.08 -24.35
C GLU A 139 -0.64 11.44 -25.70
N PRO A 140 -1.59 10.48 -25.76
CA PRO A 140 -2.38 9.93 -24.64
C PRO A 140 -1.60 8.97 -23.74
N ALA A 141 -1.88 9.02 -22.44
CA ALA A 141 -1.22 8.24 -21.41
C ALA A 141 -2.20 7.46 -20.52
N TYR A 142 -1.63 6.49 -19.73
CA TYR A 142 -2.38 5.70 -18.76
C TYR A 142 -2.97 6.66 -17.72
N SER A 143 -4.32 6.66 -17.62
CA SER A 143 -5.11 7.51 -16.71
C SER A 143 -4.65 7.41 -15.24
N GLY A 144 -4.15 6.24 -14.85
CA GLY A 144 -3.65 5.99 -13.52
C GLY A 144 -2.44 6.82 -13.16
N THR A 145 -1.58 7.11 -14.14
CA THR A 145 -0.41 7.94 -13.87
C THR A 145 -0.78 9.39 -13.85
N LEU A 146 -1.74 9.78 -14.70
CA LEU A 146 -2.24 11.17 -14.77
C LEU A 146 -2.93 11.52 -13.44
N GLN A 147 -3.73 10.56 -12.91
CA GLN A 147 -4.44 10.69 -11.65
C GLN A 147 -3.51 10.76 -10.45
N SER A 148 -2.31 10.16 -10.59
CA SER A 148 -1.25 10.15 -9.59
C SER A 148 -0.50 11.48 -9.60
N LEU A 149 -0.14 11.98 -10.80
CA LEU A 149 0.63 13.20 -10.94
C LEU A 149 -0.10 14.51 -10.63
N HIS A 150 -1.42 14.58 -10.99
CA HIS A 150 -2.28 15.74 -10.77
C HIS A 150 -2.20 16.38 -9.34
N PRO A 151 -2.34 15.60 -8.23
CA PRO A 151 -2.26 16.24 -6.90
C PRO A 151 -0.87 16.72 -6.49
N LEU A 152 0.17 16.27 -7.20
CA LEU A 152 1.57 16.60 -6.90
C LEU A 152 2.03 17.99 -7.33
N GLY A 153 1.15 18.69 -8.06
CA GLY A 153 1.39 20.05 -8.53
C GLY A 153 2.64 20.22 -9.36
N CYS A 154 2.85 19.31 -10.31
CA CYS A 154 3.97 19.34 -11.23
C CYS A 154 3.48 19.75 -12.61
N ASN A 155 4.39 20.26 -13.47
CA ASN A 155 4.03 20.66 -14.83
C ASN A 155 4.31 19.52 -15.81
N ILE A 156 3.25 18.95 -16.40
CA ILE A 156 3.38 17.87 -17.39
C ILE A 156 3.55 18.49 -18.79
N ILE A 157 4.72 18.27 -19.40
CA ILE A 157 5.08 18.74 -20.74
C ILE A 157 4.86 17.56 -21.70
N ASN A 158 3.89 17.69 -22.61
CA ASN A 158 3.58 16.62 -23.57
C ASN A 158 4.61 16.51 -24.71
N VAL A 159 5.10 15.28 -24.96
CA VAL A 159 6.06 14.97 -26.01
C VAL A 159 5.29 14.29 -27.15
N ALA A 160 5.50 14.74 -28.39
CA ALA A 160 4.82 14.17 -29.55
C ALA A 160 5.18 12.69 -29.76
N SER A 161 4.18 11.90 -30.21
CA SER A 161 4.31 10.47 -30.46
C SER A 161 3.59 10.02 -31.74
N ASP A 162 3.97 8.84 -32.26
CA ASP A 162 3.40 8.22 -33.46
C ASP A 162 3.32 6.68 -33.26
N GLU A 163 3.16 5.89 -34.36
CA GLU A 163 3.07 4.42 -34.36
C GLU A 163 4.27 3.73 -33.68
N SER A 164 5.44 4.40 -33.66
CA SER A 164 6.66 3.89 -33.07
C SER A 164 6.95 4.54 -31.69
N GLY A 165 5.89 5.02 -31.04
CA GLY A 165 5.93 5.69 -29.75
C GLY A 165 6.51 7.10 -29.78
N ILE A 166 7.17 7.50 -28.67
CA ILE A 166 7.82 8.80 -28.49
C ILE A 166 8.68 9.12 -29.70
N VAL A 167 8.58 10.37 -30.19
CA VAL A 167 9.37 10.86 -31.32
C VAL A 167 10.59 11.58 -30.73
N PRO A 168 11.82 11.07 -30.96
CA PRO A 168 13.02 11.72 -30.37
C PRO A 168 13.26 13.18 -30.72
N ASP A 169 12.88 13.62 -31.94
CA ASP A 169 13.05 15.01 -32.36
C ASP A 169 12.15 15.98 -31.61
N SER A 170 10.95 15.53 -31.18
CA SER A 170 10.02 16.32 -30.37
C SER A 170 10.66 16.60 -29.02
N LEU A 171 11.23 15.55 -28.40
CA LEU A 171 11.95 15.58 -27.12
C LEU A 171 13.16 16.50 -27.22
N ARG A 172 13.86 16.47 -28.37
CA ARG A 172 15.03 17.32 -28.64
C ARG A 172 14.59 18.80 -28.65
N ASP A 173 13.51 19.11 -29.39
CA ASP A 173 12.93 20.45 -29.53
C ASP A 173 12.49 21.00 -28.19
N ILE A 174 11.81 20.16 -27.37
CA ILE A 174 11.35 20.54 -26.04
C ILE A 174 12.54 20.89 -25.13
N LEU A 175 13.50 19.96 -24.97
CA LEU A 175 14.70 20.09 -24.14
C LEU A 175 15.57 21.29 -24.44
N SER A 176 15.51 21.82 -25.69
CA SER A 176 16.30 22.96 -26.14
C SER A 176 16.03 24.26 -25.36
N ARG A 177 14.89 24.33 -24.59
CA ARG A 177 14.55 25.51 -23.80
C ARG A 177 15.52 25.79 -22.64
N TRP A 178 16.33 24.77 -22.28
CA TRP A 178 17.40 24.79 -21.27
C TRP A 178 18.73 24.41 -21.97
N LYS A 179 19.85 24.53 -21.24
CA LYS A 179 21.21 24.18 -21.68
C LYS A 179 21.65 22.95 -20.85
N PRO A 180 22.45 21.99 -21.40
CA PRO A 180 22.89 20.85 -20.57
C PRO A 180 23.47 21.22 -19.18
N GLU A 181 24.18 22.37 -19.11
CA GLU A 181 24.78 22.90 -17.87
C GLU A 181 23.73 23.26 -16.80
N ASP A 182 22.49 23.60 -17.20
CA ASP A 182 21.40 23.98 -16.32
C ASP A 182 20.99 22.90 -15.32
N ALA A 183 21.15 21.60 -15.66
CA ALA A 183 20.79 20.47 -14.78
C ALA A 183 21.54 20.54 -13.46
N LYS A 184 22.78 21.05 -13.49
CA LYS A 184 23.66 21.26 -12.34
C LYS A 184 23.22 22.46 -11.47
N ASN A 185 22.43 23.39 -12.05
CA ASN A 185 21.91 24.58 -11.35
C ASN A 185 20.47 24.30 -10.86
N PRO A 186 20.26 24.16 -9.53
CA PRO A 186 18.91 23.83 -9.03
C PRO A 186 17.78 24.77 -9.42
N GLN A 187 18.02 26.10 -9.39
CA GLN A 187 17.01 27.11 -9.73
C GLN A 187 16.63 27.24 -11.22
N LYS A 188 17.29 26.49 -12.13
CA LYS A 188 16.96 26.54 -13.56
C LYS A 188 15.70 25.73 -13.91
N ASN A 189 15.35 24.75 -13.03
CA ASN A 189 14.16 23.88 -13.08
C ASN A 189 14.03 22.96 -14.31
N THR A 190 15.11 22.22 -14.63
CA THR A 190 15.17 21.25 -15.74
C THR A 190 14.32 20.02 -15.43
N PRO A 191 13.83 19.23 -16.44
CA PRO A 191 13.00 18.06 -16.13
C PRO A 191 13.64 17.01 -15.23
N LYS A 192 12.87 16.55 -14.24
CA LYS A 192 13.33 15.54 -13.28
C LYS A 192 13.36 14.15 -13.91
N PHE A 193 12.34 13.80 -14.72
CA PHE A 193 12.26 12.50 -15.38
C PHE A 193 11.41 12.53 -16.61
N LEU A 194 11.47 11.41 -17.37
CA LEU A 194 10.64 11.12 -18.53
C LEU A 194 9.95 9.79 -18.19
N TYR A 195 8.62 9.79 -18.24
CA TYR A 195 7.80 8.61 -17.97
C TYR A 195 7.31 8.04 -19.30
N THR A 196 7.45 6.71 -19.47
CA THR A 196 7.00 6.04 -20.69
C THR A 196 6.65 4.57 -20.50
N VAL A 197 5.62 4.12 -21.24
CA VAL A 197 5.18 2.73 -21.29
C VAL A 197 5.76 2.28 -22.64
N PRO A 198 6.94 1.60 -22.65
CA PRO A 198 7.60 1.33 -23.94
C PRO A 198 6.94 0.34 -24.89
N ASN A 199 6.20 -0.62 -24.34
CA ASN A 199 5.52 -1.65 -25.13
C ASN A 199 4.03 -1.56 -24.95
N GLY A 200 3.35 -1.38 -26.08
CA GLY A 200 1.91 -1.31 -26.18
C GLY A 200 1.29 -0.33 -25.20
N ASN A 201 1.67 0.95 -25.33
CA ASN A 201 1.20 2.04 -24.50
C ASN A 201 -0.33 2.03 -24.30
N ASN A 202 -0.77 2.26 -23.05
CA ASN A 202 -2.18 2.37 -22.73
C ASN A 202 -2.50 3.86 -22.97
N PRO A 203 -3.37 4.26 -23.94
CA PRO A 203 -4.31 3.47 -24.76
C PRO A 203 -3.96 3.10 -26.22
N THR A 204 -2.85 3.62 -26.76
CA THR A 204 -2.46 3.49 -28.18
C THR A 204 -2.13 2.08 -28.71
N GLY A 205 -1.45 1.29 -27.89
CA GLY A 205 -0.98 -0.03 -28.29
C GLY A 205 0.31 0.07 -29.09
N ASN A 206 0.88 1.31 -29.18
CA ASN A 206 2.11 1.57 -29.92
C ASN A 206 3.35 1.29 -29.07
N SER A 207 4.43 0.79 -29.74
CA SER A 207 5.68 0.42 -29.09
C SER A 207 6.90 1.11 -29.64
N LEU A 208 7.86 1.45 -28.74
CA LEU A 208 9.13 2.09 -29.08
C LEU A 208 10.08 1.11 -29.75
N THR A 209 10.97 1.63 -30.61
CA THR A 209 11.97 0.83 -31.33
C THR A 209 13.32 0.93 -30.62
N SER A 210 14.26 0.01 -30.96
CA SER A 210 15.62 -0.04 -30.38
C SER A 210 16.36 1.28 -30.57
N GLU A 211 16.35 1.78 -31.82
CA GLU A 211 17.01 3.01 -32.29
C GLU A 211 16.49 4.24 -31.54
N ARG A 212 15.15 4.35 -31.38
CA ARG A 212 14.49 5.43 -30.67
C ARG A 212 14.88 5.45 -29.18
N LYS A 213 14.88 4.27 -28.51
CA LYS A 213 15.29 4.11 -27.11
C LYS A 213 16.73 4.60 -26.90
N LYS A 214 17.67 4.16 -27.77
CA LYS A 214 19.08 4.57 -27.76
C LYS A 214 19.16 6.11 -27.77
N GLU A 215 18.46 6.77 -28.74
CA GLU A 215 18.34 8.22 -28.90
C GLU A 215 17.75 8.90 -27.66
N ILE A 216 16.69 8.30 -27.05
CA ILE A 216 16.06 8.83 -25.84
C ILE A 216 17.08 8.79 -24.70
N TYR A 217 17.75 7.62 -24.49
CA TYR A 217 18.80 7.47 -23.45
C TYR A 217 19.90 8.54 -23.58
N GLU A 218 20.35 8.82 -24.83
CA GLU A 218 21.41 9.81 -25.10
C GLU A 218 21.01 11.23 -24.60
N LEU A 219 19.71 11.57 -24.72
CA LEU A 219 19.16 12.85 -24.27
C LEU A 219 19.04 12.94 -22.74
N ALA A 220 18.71 11.81 -22.08
CA ALA A 220 18.61 11.67 -20.61
C ALA A 220 19.97 11.85 -19.91
N ARG A 221 21.10 11.51 -20.60
CA ARG A 221 22.46 11.71 -20.07
C ARG A 221 22.74 13.20 -20.16
N LYS A 222 22.60 13.77 -21.40
CA LYS A 222 22.83 15.17 -21.77
C LYS A 222 22.16 16.18 -20.83
N TYR A 223 20.86 15.96 -20.53
CA TYR A 223 20.06 16.84 -19.68
C TYR A 223 19.85 16.28 -18.27
N ASP A 224 20.56 15.18 -17.91
CA ASP A 224 20.51 14.50 -16.62
C ASP A 224 19.11 14.33 -16.03
N PHE A 225 18.31 13.43 -16.63
CA PHE A 225 16.99 13.12 -16.11
C PHE A 225 16.76 11.63 -16.08
N LEU A 226 15.94 11.18 -15.13
CA LEU A 226 15.62 9.76 -14.95
C LEU A 226 14.63 9.23 -15.98
N ILE A 227 14.66 7.92 -16.24
CA ILE A 227 13.70 7.30 -17.16
C ILE A 227 12.85 6.35 -16.35
N ILE A 228 11.53 6.59 -16.34
CA ILE A 228 10.61 5.72 -15.62
C ILE A 228 9.96 4.76 -16.62
N GLU A 229 10.53 3.54 -16.68
CA GLU A 229 10.09 2.47 -17.57
C GLU A 229 8.95 1.67 -16.97
N ASP A 230 7.69 2.10 -17.24
CA ASP A 230 6.50 1.38 -16.78
C ASP A 230 6.14 0.36 -17.86
N ASP A 231 6.64 -0.89 -17.71
CA ASP A 231 6.50 -1.94 -18.71
C ASP A 231 5.60 -3.13 -18.28
N PRO A 232 4.25 -2.97 -18.16
CA PRO A 232 3.42 -4.12 -17.76
C PRO A 232 3.14 -5.10 -18.90
N TYR A 233 3.21 -4.62 -20.16
CA TYR A 233 2.95 -5.42 -21.37
C TYR A 233 4.23 -5.96 -22.02
N TYR A 234 5.34 -6.00 -21.27
CA TYR A 234 6.64 -6.50 -21.74
C TYR A 234 6.53 -7.97 -22.22
N PHE A 235 5.73 -8.77 -21.51
CA PHE A 235 5.50 -10.18 -21.78
C PHE A 235 4.26 -10.38 -22.67
N LEU A 236 3.83 -9.32 -23.39
CA LEU A 236 2.67 -9.40 -24.30
C LEU A 236 3.01 -8.82 -25.68
N GLN A 237 4.29 -8.88 -26.06
CA GLN A 237 4.78 -8.40 -27.36
C GLN A 237 4.42 -9.44 -28.41
N PHE A 238 3.79 -8.99 -29.50
CA PHE A 238 3.27 -9.87 -30.52
C PHE A 238 4.28 -10.41 -31.47
N ASN A 239 5.23 -9.56 -31.83
CA ASN A 239 6.18 -9.93 -32.86
C ASN A 239 7.51 -10.45 -32.40
N SER A 240 8.07 -11.36 -33.23
CA SER A 240 9.33 -12.12 -33.11
C SER A 240 10.48 -11.35 -32.52
N GLY A 241 10.92 -11.79 -31.33
CA GLY A 241 12.01 -11.21 -30.58
C GLY A 241 11.68 -9.90 -29.88
N ARG A 242 11.77 -9.90 -28.53
CA ARG A 242 11.51 -8.73 -27.69
C ARG A 242 12.59 -7.65 -27.86
N VAL A 243 12.16 -6.37 -27.86
CA VAL A 243 13.00 -5.19 -28.07
C VAL A 243 13.83 -4.94 -26.79
N PRO A 244 15.14 -4.57 -26.88
CA PRO A 244 15.90 -4.27 -25.64
C PRO A 244 15.25 -3.15 -24.85
N THR A 245 15.24 -3.27 -23.52
CA THR A 245 14.63 -2.31 -22.60
C THR A 245 15.60 -1.20 -22.23
N PHE A 246 15.08 -0.06 -21.71
CA PHE A 246 15.89 1.06 -21.22
C PHE A 246 16.87 0.60 -20.15
N LEU A 247 16.43 -0.31 -19.25
CA LEU A 247 17.23 -0.92 -18.17
C LEU A 247 18.44 -1.67 -18.74
N SER A 248 18.27 -2.37 -19.90
CA SER A 248 19.33 -3.13 -20.55
C SER A 248 20.48 -2.26 -21.02
N MET A 249 20.19 -1.02 -21.40
CA MET A 249 21.18 -0.03 -21.88
C MET A 249 21.54 1.03 -20.81
N ASP A 250 21.15 0.79 -19.53
CA ASP A 250 21.38 1.73 -18.43
C ASP A 250 22.81 1.73 -17.85
N VAL A 251 23.73 2.36 -18.59
CA VAL A 251 25.14 2.46 -18.25
C VAL A 251 25.37 3.39 -17.01
N ASP A 252 24.55 4.44 -16.87
CA ASP A 252 24.63 5.47 -15.82
C ASP A 252 23.89 5.16 -14.52
N GLY A 253 22.88 4.29 -14.56
CA GLY A 253 22.06 4.02 -13.40
C GLY A 253 21.03 5.13 -13.21
N ARG A 254 20.38 5.51 -14.32
CA ARG A 254 19.35 6.56 -14.37
C ARG A 254 17.96 6.01 -14.69
N VAL A 255 17.81 4.69 -14.71
CA VAL A 255 16.54 4.03 -15.06
C VAL A 255 15.84 3.33 -13.87
N ILE A 256 14.54 3.63 -13.68
CA ILE A 256 13.67 2.98 -12.71
C ILE A 256 12.61 2.21 -13.53
N ARG A 257 12.67 0.87 -13.44
CA ARG A 257 11.78 -0.04 -14.15
C ARG A 257 10.72 -0.67 -13.26
N ALA A 258 9.46 -0.65 -13.71
CA ALA A 258 8.34 -1.28 -13.02
C ALA A 258 7.75 -2.44 -13.84
N ASP A 259 7.73 -3.61 -13.23
CA ASP A 259 7.21 -4.85 -13.80
C ASP A 259 5.95 -5.28 -13.04
N SER A 260 5.02 -5.93 -13.75
CA SER A 260 3.76 -6.37 -13.16
C SER A 260 3.36 -7.80 -13.54
N PHE A 261 2.80 -8.55 -12.57
CA PHE A 261 2.26 -9.89 -12.77
C PHE A 261 0.75 -9.86 -13.12
N SER A 262 0.12 -8.66 -13.06
CA SER A 262 -1.31 -8.42 -13.30
C SER A 262 -1.86 -8.93 -14.63
N LYS A 263 -1.09 -8.81 -15.72
CA LYS A 263 -1.57 -9.26 -17.02
C LYS A 263 -1.21 -10.73 -17.31
N ILE A 264 -0.30 -11.33 -16.52
CA ILE A 264 0.21 -12.69 -16.75
C ILE A 264 -0.06 -13.75 -15.67
N ILE A 265 -0.12 -13.36 -14.37
CA ILE A 265 -0.36 -14.30 -13.26
C ILE A 265 -1.65 -14.03 -12.46
N SER A 266 -1.84 -12.78 -11.98
CA SER A 266 -3.03 -12.33 -11.24
C SER A 266 -2.95 -10.85 -10.92
N SER A 267 -4.06 -10.14 -11.17
CA SER A 267 -4.19 -8.72 -10.86
C SER A 267 -4.70 -8.50 -9.40
N GLY A 268 -5.55 -9.40 -8.91
CA GLY A 268 -6.13 -9.32 -7.58
C GLY A 268 -5.21 -9.71 -6.44
N LEU A 269 -4.06 -10.34 -6.74
CA LEU A 269 -3.08 -10.74 -5.72
C LEU A 269 -2.22 -9.54 -5.29
N ARG A 270 -2.16 -8.47 -6.11
CA ARG A 270 -1.42 -7.20 -5.86
C ARG A 270 0.07 -7.45 -5.63
N ILE A 271 0.76 -7.97 -6.66
CA ILE A 271 2.18 -8.28 -6.61
C ILE A 271 2.86 -7.80 -7.88
N GLY A 272 3.79 -6.87 -7.69
CA GLY A 272 4.63 -6.30 -8.73
C GLY A 272 6.04 -6.13 -8.21
N PHE A 273 6.95 -5.60 -9.04
CA PHE A 273 8.33 -5.36 -8.62
C PHE A 273 8.97 -4.16 -9.31
N LEU A 274 9.84 -3.47 -8.56
CA LEU A 274 10.57 -2.30 -9.00
C LEU A 274 12.04 -2.63 -9.08
N THR A 275 12.71 -2.21 -10.17
CA THR A 275 14.13 -2.44 -10.42
C THR A 275 14.74 -1.09 -10.71
N GLY A 276 15.85 -0.80 -10.06
CA GLY A 276 16.55 0.47 -10.20
C GLY A 276 17.77 0.62 -9.30
N PRO A 277 18.40 1.81 -9.26
CA PRO A 277 19.60 2.00 -8.42
C PRO A 277 19.28 1.91 -6.94
N LYS A 278 20.18 1.22 -6.19
CA LYS A 278 20.08 1.00 -4.74
C LYS A 278 19.69 2.29 -3.94
N PRO A 279 20.36 3.47 -4.12
CA PRO A 279 19.95 4.66 -3.35
C PRO A 279 18.47 4.98 -3.45
N LEU A 280 17.94 4.97 -4.68
CA LEU A 280 16.53 5.27 -4.96
C LEU A 280 15.59 4.14 -4.52
N ILE A 281 15.96 2.85 -4.74
CA ILE A 281 15.16 1.69 -4.29
C ILE A 281 15.00 1.71 -2.76
N GLU A 282 16.09 2.07 -2.04
CA GLU A 282 16.14 2.20 -0.59
C GLU A 282 15.04 3.19 -0.11
N ARG A 283 15.02 4.42 -0.68
CA ARG A 283 14.03 5.45 -0.37
C ARG A 283 12.58 4.91 -0.52
N VAL A 284 12.35 4.10 -1.60
CA VAL A 284 11.05 3.47 -1.88
C VAL A 284 10.70 2.44 -0.79
N ILE A 285 11.65 1.53 -0.42
CA ILE A 285 11.48 0.52 0.64
C ILE A 285 11.17 1.22 1.97
N LEU A 286 11.88 2.33 2.30
CA LEU A 286 11.62 3.08 3.54
C LEU A 286 10.20 3.69 3.63
N HIS A 287 9.62 4.16 2.49
CA HIS A 287 8.26 4.70 2.45
C HIS A 287 7.27 3.55 2.65
N ILE A 288 7.46 2.44 1.91
CA ILE A 288 6.61 1.25 1.98
C ILE A 288 6.52 0.77 3.41
N GLN A 289 7.68 0.79 4.12
CA GLN A 289 7.87 0.42 5.53
C GLN A 289 6.92 1.21 6.48
N VAL A 290 6.47 2.41 6.05
CA VAL A 290 5.51 3.22 6.82
C VAL A 290 4.07 3.21 6.23
N SER A 291 3.87 2.54 5.09
CA SER A 291 2.53 2.45 4.51
C SER A 291 1.94 1.06 4.77
N THR A 292 2.28 0.09 3.93
CA THR A 292 1.74 -1.26 3.98
C THR A 292 2.58 -2.26 4.76
N LEU A 293 3.76 -1.82 5.33
CA LEU A 293 4.80 -2.62 6.01
C LEU A 293 5.48 -3.60 5.03
N HIS A 294 4.71 -4.38 4.23
CA HIS A 294 5.22 -5.38 3.27
C HIS A 294 4.09 -5.89 2.35
N PRO A 295 4.41 -6.52 1.19
CA PRO A 295 3.33 -7.13 0.38
C PRO A 295 2.90 -8.45 1.04
N SER A 296 1.58 -8.80 0.98
CA SER A 296 0.99 -10.00 1.57
C SER A 296 1.93 -11.22 1.54
N THR A 297 2.25 -11.81 2.70
CA THR A 297 3.17 -12.96 2.80
C THR A 297 2.56 -14.15 2.06
N PHE A 298 1.24 -14.41 2.28
CA PHE A 298 0.50 -15.50 1.66
C PHE A 298 0.62 -15.42 0.12
N ASN A 299 0.30 -14.25 -0.46
CA ASN A 299 0.29 -14.01 -1.91
C ASN A 299 1.64 -14.21 -2.61
N GLN A 300 2.74 -13.83 -1.91
CA GLN A 300 4.10 -13.98 -2.40
C GLN A 300 4.50 -15.47 -2.46
N LEU A 301 4.20 -16.22 -1.35
CA LEU A 301 4.48 -17.65 -1.15
C LEU A 301 3.73 -18.46 -2.16
N MET A 302 2.55 -18.01 -2.59
CA MET A 302 1.72 -18.65 -3.60
C MET A 302 2.44 -18.62 -4.95
N ILE A 303 3.01 -17.45 -5.32
CA ILE A 303 3.75 -17.20 -6.56
C ILE A 303 5.11 -17.86 -6.50
N SER A 304 5.83 -17.73 -5.38
CA SER A 304 7.13 -18.38 -5.26
C SER A 304 7.08 -19.92 -5.31
N GLN A 305 6.00 -20.53 -4.75
CA GLN A 305 5.82 -22.00 -4.78
C GLN A 305 5.50 -22.45 -6.22
N LEU A 306 4.68 -21.64 -6.93
CA LEU A 306 4.33 -21.88 -8.33
C LEU A 306 5.63 -21.81 -9.14
N LEU A 307 6.44 -20.74 -8.93
CA LEU A 307 7.70 -20.52 -9.63
C LEU A 307 8.72 -21.60 -9.38
N HIS A 308 8.75 -22.14 -8.15
CA HIS A 308 9.67 -23.23 -7.84
C HIS A 308 9.33 -24.51 -8.63
N GLU A 309 8.02 -24.75 -8.84
CA GLU A 309 7.47 -25.91 -9.55
C GLU A 309 7.74 -25.81 -11.05
N TRP A 310 7.41 -24.66 -11.66
CA TRP A 310 7.58 -24.32 -13.06
C TRP A 310 9.05 -24.18 -13.51
N GLY A 311 9.82 -23.30 -12.83
CA GLY A 311 11.18 -22.92 -13.19
C GLY A 311 11.10 -21.87 -14.29
N GLU A 312 12.27 -21.45 -14.84
CA GLU A 312 12.27 -20.47 -15.94
C GLU A 312 11.53 -20.95 -17.17
N GLU A 313 11.73 -22.23 -17.59
CA GLU A 313 11.11 -22.85 -18.78
C GLU A 313 9.59 -22.85 -18.67
N GLY A 314 9.09 -23.34 -17.54
CA GLY A 314 7.67 -23.42 -17.22
C GLY A 314 6.99 -22.07 -17.22
N PHE A 315 7.73 -21.03 -16.74
CA PHE A 315 7.30 -19.64 -16.69
C PHE A 315 7.31 -19.02 -18.11
N MET A 316 8.33 -19.34 -18.92
CA MET A 316 8.44 -18.85 -20.29
C MET A 316 7.38 -19.50 -21.16
N ALA A 317 7.15 -20.83 -20.97
CA ALA A 317 6.10 -21.61 -21.66
C ALA A 317 4.71 -21.01 -21.33
N HIS A 318 4.49 -20.57 -20.06
CA HIS A 318 3.25 -19.91 -19.66
C HIS A 318 3.12 -18.57 -20.35
N VAL A 319 4.20 -17.72 -20.41
CA VAL A 319 4.10 -16.43 -21.10
C VAL A 319 3.68 -16.60 -22.56
N ASP A 320 4.25 -17.62 -23.21
CA ASP A 320 3.91 -17.95 -24.59
C ASP A 320 2.45 -18.34 -24.82
N ARG A 321 1.81 -18.98 -23.81
CA ARG A 321 0.40 -19.38 -23.90
C ARG A 321 -0.49 -18.14 -23.76
N VAL A 322 -0.04 -17.18 -22.94
CA VAL A 322 -0.74 -15.91 -22.76
C VAL A 322 -0.64 -15.08 -24.08
N ILE A 323 0.58 -14.95 -24.65
CA ILE A 323 0.83 -14.26 -25.92
C ILE A 323 -0.06 -14.87 -27.00
N ASP A 324 -0.12 -16.23 -27.08
CA ASP A 324 -0.93 -16.95 -28.06
C ASP A 324 -2.41 -16.60 -27.93
N PHE A 325 -2.89 -16.45 -26.67
CA PHE A 325 -4.28 -16.05 -26.49
C PHE A 325 -4.52 -14.59 -26.96
N TYR A 326 -3.68 -13.61 -26.54
CA TYR A 326 -3.84 -12.20 -26.92
C TYR A 326 -3.58 -11.92 -28.41
N SER A 327 -2.77 -12.75 -29.06
CA SER A 327 -2.49 -12.59 -30.48
C SER A 327 -3.77 -12.92 -31.31
N ASN A 328 -4.50 -14.00 -30.93
CA ASN A 328 -5.74 -14.41 -31.60
C ASN A 328 -6.82 -13.34 -31.36
N GLN A 329 -6.90 -12.80 -30.14
CA GLN A 329 -7.85 -11.74 -29.84
C GLN A 329 -7.57 -10.51 -30.74
N LYS A 330 -6.29 -10.08 -30.85
CA LYS A 330 -5.85 -8.97 -31.69
C LYS A 330 -6.28 -9.17 -33.16
N ASP A 331 -6.05 -10.37 -33.71
CA ASP A 331 -6.42 -10.71 -35.08
C ASP A 331 -7.94 -10.58 -35.27
N ALA A 332 -8.72 -11.03 -34.25
CA ALA A 332 -10.19 -11.00 -34.23
C ALA A 332 -10.78 -9.58 -34.14
N ILE A 333 -10.10 -8.66 -33.43
CA ILE A 333 -10.52 -7.26 -33.35
C ILE A 333 -10.19 -6.54 -34.68
N LEU A 334 -9.04 -6.89 -35.31
CA LEU A 334 -8.57 -6.32 -36.56
C LEU A 334 -9.46 -6.71 -37.73
N ALA A 335 -9.99 -7.94 -37.71
CA ALA A 335 -10.89 -8.46 -38.74
C ALA A 335 -12.23 -7.74 -38.65
N ALA A 336 -12.80 -7.66 -37.43
CA ALA A 336 -14.06 -6.96 -37.15
C ALA A 336 -13.94 -5.47 -37.52
N ALA A 337 -12.78 -4.85 -37.22
CA ALA A 337 -12.48 -3.46 -37.57
C ALA A 337 -12.45 -3.30 -39.10
N ASP A 338 -11.82 -4.27 -39.82
CA ASP A 338 -11.71 -4.24 -41.29
C ASP A 338 -13.08 -4.30 -41.95
N LYS A 339 -13.90 -5.26 -41.53
CA LYS A 339 -15.24 -5.55 -42.01
C LYS A 339 -16.22 -4.35 -41.98
N TRP A 340 -16.27 -3.62 -40.85
CA TRP A 340 -17.25 -2.56 -40.63
C TRP A 340 -16.73 -1.13 -40.62
N LEU A 341 -15.54 -0.87 -40.04
CA LEU A 341 -14.99 0.48 -39.85
C LEU A 341 -14.26 1.09 -41.06
N THR A 342 -13.84 0.25 -42.04
CA THR A 342 -13.16 0.74 -43.24
C THR A 342 -14.02 1.79 -43.92
N GLY A 343 -13.42 2.97 -44.14
CA GLY A 343 -14.05 4.15 -44.72
C GLY A 343 -14.54 5.14 -43.67
N LEU A 344 -14.78 4.66 -42.42
CA LEU A 344 -15.32 5.43 -41.28
C LEU A 344 -14.30 5.77 -40.19
N ALA A 345 -13.17 5.02 -40.16
CA ALA A 345 -12.14 5.17 -39.13
C ALA A 345 -10.75 4.74 -39.59
N GLU A 346 -9.73 5.13 -38.81
CA GLU A 346 -8.32 4.83 -39.03
C GLU A 346 -7.72 4.29 -37.74
N TRP A 347 -6.83 3.30 -37.87
CA TRP A 347 -6.17 2.68 -36.72
C TRP A 347 -4.81 2.12 -37.07
N HIS A 348 -3.95 1.98 -36.06
CA HIS A 348 -2.63 1.37 -36.19
C HIS A 348 -2.69 -0.03 -35.59
N VAL A 349 -1.97 -0.98 -36.19
CA VAL A 349 -1.93 -2.34 -35.67
C VAL A 349 -1.18 -2.33 -34.32
N PRO A 350 -1.82 -2.83 -33.21
CA PRO A 350 -1.13 -2.84 -31.91
C PRO A 350 0.06 -3.78 -31.89
N ALA A 351 1.23 -3.29 -31.42
CA ALA A 351 2.47 -4.08 -31.33
C ALA A 351 2.47 -4.99 -30.09
N ALA A 352 1.77 -4.57 -29.01
CA ALA A 352 1.67 -5.30 -27.75
C ALA A 352 0.42 -4.90 -26.96
N GLY A 353 0.14 -5.64 -25.90
CA GLY A 353 -0.94 -5.36 -24.97
C GLY A 353 -2.31 -5.92 -25.34
N MET A 354 -3.37 -5.15 -24.95
CA MET A 354 -4.78 -5.50 -25.12
C MET A 354 -5.71 -4.41 -25.67
N PHE A 355 -5.15 -3.31 -26.20
CA PHE A 355 -6.00 -2.23 -26.73
C PHE A 355 -5.85 -1.90 -28.22
N LEU A 356 -6.97 -1.50 -28.84
CA LEU A 356 -7.04 -1.00 -30.23
C LEU A 356 -7.55 0.44 -30.13
N TRP A 357 -6.74 1.40 -30.60
CA TRP A 357 -6.99 2.84 -30.56
C TRP A 357 -7.56 3.28 -31.92
N ILE A 358 -8.86 3.57 -31.94
CA ILE A 358 -9.64 3.94 -33.15
C ILE A 358 -9.86 5.45 -33.26
N LYS A 359 -9.56 6.04 -34.42
CA LYS A 359 -9.80 7.45 -34.70
C LYS A 359 -10.97 7.52 -35.65
N VAL A 360 -12.10 8.09 -35.18
CA VAL A 360 -13.28 8.23 -36.06
C VAL A 360 -13.03 9.40 -37.03
N LYS A 361 -13.07 9.09 -38.34
CA LYS A 361 -12.79 10.00 -39.46
C LYS A 361 -13.45 11.38 -39.45
N GLY A 362 -14.79 11.41 -39.37
CA GLY A 362 -15.55 12.66 -39.44
C GLY A 362 -15.71 13.47 -38.18
N ILE A 363 -16.30 12.85 -37.14
CA ILE A 363 -16.62 13.45 -35.83
C ILE A 363 -15.41 14.07 -35.07
N ASN A 364 -15.70 15.10 -34.23
CA ASN A 364 -14.73 15.83 -33.42
C ASN A 364 -14.73 15.36 -31.95
N ASP A 365 -15.94 15.03 -31.43
CA ASP A 365 -16.14 14.54 -30.07
C ASP A 365 -16.92 13.22 -30.09
N VAL A 366 -16.26 12.13 -29.67
CA VAL A 366 -16.81 10.77 -29.69
C VAL A 366 -17.57 10.42 -28.40
N LYS A 367 -17.41 11.24 -27.35
CA LYS A 367 -18.10 11.07 -26.06
C LYS A 367 -19.61 11.23 -26.28
N GLU A 368 -19.99 12.09 -27.24
CA GLU A 368 -21.35 12.36 -27.66
C GLU A 368 -22.00 11.13 -28.32
N LEU A 369 -21.22 10.40 -29.17
CA LEU A 369 -21.62 9.24 -29.97
C LEU A 369 -21.98 7.98 -29.16
N ILE A 370 -21.17 7.62 -28.15
CA ILE A 370 -21.40 6.44 -27.30
C ILE A 370 -22.79 6.47 -26.62
N GLU A 371 -23.19 7.67 -26.11
CA GLU A 371 -24.46 7.93 -25.43
C GLU A 371 -25.61 7.83 -26.44
N GLY A 378 -20.35 0.94 -25.80
CA GLY A 378 -19.67 0.57 -24.57
C GLY A 378 -19.22 -0.87 -24.58
N VAL A 379 -19.15 -1.52 -23.37
CA VAL A 379 -18.72 -2.93 -23.13
C VAL A 379 -17.20 -3.05 -23.24
N LEU A 380 -16.70 -2.92 -24.49
CA LEU A 380 -15.28 -2.99 -24.83
C LEU A 380 -14.69 -1.64 -25.20
N MET A 381 -15.56 -0.64 -25.48
CA MET A 381 -15.14 0.70 -25.88
C MET A 381 -15.32 1.76 -24.81
N LEU A 382 -14.50 2.83 -24.87
CA LEU A 382 -14.52 4.03 -24.01
C LEU A 382 -13.89 5.26 -24.74
N PRO A 383 -14.29 6.53 -24.42
CA PRO A 383 -13.75 7.68 -25.18
C PRO A 383 -12.37 8.16 -24.76
N GLY A 384 -11.64 8.67 -25.74
CA GLY A 384 -10.27 9.18 -25.62
C GLY A 384 -9.97 10.23 -24.55
N ASN A 385 -10.99 11.02 -24.16
CA ASN A 385 -10.94 12.10 -23.17
C ASN A 385 -10.12 11.75 -21.91
N ALA A 386 -10.37 10.58 -21.33
CA ALA A 386 -9.73 10.06 -20.11
C ALA A 386 -8.20 9.98 -20.12
N PHE A 387 -7.61 9.88 -21.30
CA PHE A 387 -6.17 9.64 -21.47
C PHE A 387 -5.35 10.91 -21.70
N TYR A 388 -5.96 12.05 -21.39
CA TYR A 388 -5.34 13.35 -21.56
C TYR A 388 -5.34 14.14 -20.25
N VAL A 389 -4.34 15.04 -20.08
CA VAL A 389 -4.25 15.94 -18.92
C VAL A 389 -5.50 16.88 -18.96
N ASP A 390 -5.83 17.40 -20.17
CA ASP A 390 -7.02 18.22 -20.40
C ASP A 390 -8.11 17.30 -20.96
N SER A 391 -8.81 16.61 -20.05
CA SER A 391 -9.89 15.66 -20.37
C SER A 391 -11.19 16.32 -20.84
N SER A 392 -11.29 17.66 -20.72
CA SER A 392 -12.45 18.44 -21.12
C SER A 392 -12.43 18.78 -22.62
N ALA A 393 -11.24 18.68 -23.25
CA ALA A 393 -11.06 18.90 -24.68
C ALA A 393 -11.76 17.77 -25.47
N PRO A 394 -12.39 18.06 -26.64
CA PRO A 394 -13.06 16.98 -27.41
C PRO A 394 -12.06 16.00 -28.03
N SER A 395 -12.43 14.71 -28.14
CA SER A 395 -11.55 13.66 -28.68
C SER A 395 -12.26 12.80 -29.74
N PRO A 396 -11.68 12.63 -30.96
CA PRO A 396 -12.34 11.77 -31.98
C PRO A 396 -12.00 10.28 -31.80
N TYR A 397 -11.08 9.98 -30.86
CA TYR A 397 -10.58 8.64 -30.58
C TYR A 397 -11.39 7.87 -29.55
N LEU A 398 -11.35 6.56 -29.67
CA LEU A 398 -11.93 5.69 -28.68
C LEU A 398 -11.04 4.46 -28.49
N ARG A 399 -11.01 3.92 -27.25
CA ARG A 399 -10.18 2.76 -26.92
C ARG A 399 -11.05 1.51 -26.78
N ALA A 400 -10.77 0.51 -27.63
CA ALA A 400 -11.45 -0.79 -27.66
C ALA A 400 -10.51 -1.86 -27.08
N SER A 401 -11.01 -2.65 -26.14
CA SER A 401 -10.24 -3.72 -25.50
C SER A 401 -10.58 -5.06 -26.09
N PHE A 402 -9.56 -5.82 -26.46
CA PHE A 402 -9.71 -7.16 -27.01
C PHE A 402 -9.27 -8.27 -26.01
N SER A 403 -9.21 -7.96 -24.71
CA SER A 403 -8.79 -8.93 -23.71
C SER A 403 -9.84 -9.97 -23.33
N SER A 404 -11.13 -9.67 -23.56
CA SER A 404 -12.19 -10.59 -23.14
C SER A 404 -13.31 -10.90 -24.15
N ALA A 405 -13.72 -9.91 -24.97
CA ALA A 405 -14.79 -10.10 -25.95
C ALA A 405 -14.50 -11.25 -26.94
N SER A 406 -15.54 -12.01 -27.30
CA SER A 406 -15.41 -13.12 -28.24
C SER A 406 -15.30 -12.58 -29.67
N PRO A 407 -14.69 -13.31 -30.64
CA PRO A 407 -14.61 -12.79 -32.02
C PRO A 407 -15.94 -12.33 -32.63
N GLU A 408 -17.04 -12.99 -32.22
CA GLU A 408 -18.40 -12.66 -32.65
C GLU A 408 -19.02 -11.54 -31.80
N GLN A 409 -18.53 -11.36 -30.55
CA GLN A 409 -18.96 -10.23 -29.69
C GLN A 409 -18.42 -8.93 -30.32
N MET A 410 -17.20 -9.02 -30.87
CA MET A 410 -16.48 -7.94 -31.56
C MET A 410 -17.21 -7.56 -32.84
N ASP A 411 -17.63 -8.55 -33.65
CA ASP A 411 -18.34 -8.36 -34.91
C ASP A 411 -19.65 -7.61 -34.65
N VAL A 412 -20.47 -8.11 -33.70
CA VAL A 412 -21.74 -7.52 -33.29
C VAL A 412 -21.57 -6.05 -32.85
N ALA A 413 -20.58 -5.79 -31.99
CA ALA A 413 -20.28 -4.46 -31.43
C ALA A 413 -19.79 -3.44 -32.45
N PHE A 414 -18.84 -3.84 -33.33
CA PHE A 414 -18.30 -2.95 -34.38
C PHE A 414 -19.33 -2.66 -35.46
N GLN A 415 -20.36 -3.50 -35.58
CA GLN A 415 -21.47 -3.30 -36.50
C GLN A 415 -22.37 -2.18 -35.95
N VAL A 416 -22.54 -2.11 -34.61
CA VAL A 416 -23.31 -1.07 -33.92
C VAL A 416 -22.56 0.26 -34.05
N LEU A 417 -21.21 0.22 -33.90
CA LEU A 417 -20.34 1.40 -34.01
C LEU A 417 -20.51 2.04 -35.38
N ALA A 418 -20.42 1.22 -36.46
CA ALA A 418 -20.55 1.65 -37.86
C ALA A 418 -21.86 2.37 -38.14
N GLN A 419 -22.99 1.90 -37.57
CA GLN A 419 -24.29 2.53 -37.77
C GLN A 419 -24.39 3.89 -37.06
N LEU A 420 -23.84 3.98 -35.84
CA LEU A 420 -23.83 5.21 -35.04
C LEU A 420 -22.99 6.28 -35.72
N ILE A 421 -21.83 5.88 -36.30
CA ILE A 421 -20.92 6.76 -37.04
C ILE A 421 -21.67 7.32 -38.27
N LYS A 422 -22.37 6.45 -39.01
CA LYS A 422 -23.15 6.78 -40.19
C LYS A 422 -24.28 7.77 -39.89
N GLU A 423 -24.88 7.69 -38.68
CA GLU A 423 -25.98 8.55 -38.22
C GLU A 423 -25.50 9.99 -38.00
N SER A 424 -24.36 10.17 -37.30
CA SER A 424 -23.75 11.47 -36.98
C SER A 424 -23.28 12.20 -38.24
N LEU A 425 -22.78 11.44 -39.22
CA LEU A 425 -22.29 11.98 -40.48
C LEU A 425 -23.41 12.52 -41.36
N LEU A 426 -24.66 12.04 -41.15
CA LEU A 426 -25.84 12.47 -41.89
C LEU A 426 -26.32 13.86 -41.50
N VAL A 427 -26.05 14.27 -40.25
CA VAL A 427 -26.47 15.57 -39.73
C VAL A 427 -25.35 16.65 -39.89
N PRO A 428 -25.65 17.85 -40.47
CA PRO A 428 -24.60 18.88 -40.62
C PRO A 428 -24.12 19.49 -39.29
N MET B 1 -19.12 21.26 11.28
CA MET B 1 -17.70 20.90 11.29
C MET B 1 -16.99 21.11 9.95
N ASN B 2 -16.06 22.07 9.90
CA ASN B 2 -15.32 22.30 8.66
C ASN B 2 -14.15 21.32 8.52
N TYR B 3 -14.34 20.28 7.70
CA TYR B 3 -13.33 19.28 7.47
C TYR B 3 -12.14 19.80 6.67
N ALA B 4 -12.39 20.82 5.80
CA ALA B 4 -11.37 21.43 4.94
C ALA B 4 -10.23 22.11 5.68
N ARG B 5 -10.46 22.67 6.87
CA ARG B 5 -9.36 23.31 7.61
C ARG B 5 -8.25 22.33 8.07
N PHE B 6 -8.55 21.02 8.01
CA PHE B 6 -7.66 19.95 8.42
C PHE B 6 -6.84 19.32 7.28
N ILE B 7 -7.36 19.32 6.05
CA ILE B 7 -6.68 18.66 4.93
C ILE B 7 -5.63 19.49 4.14
N THR B 8 -4.80 18.83 3.33
CA THR B 8 -3.81 19.52 2.50
C THR B 8 -4.45 19.81 1.14
N ALA B 9 -3.80 20.66 0.33
CA ALA B 9 -4.22 21.04 -1.01
C ALA B 9 -4.11 19.83 -1.95
N ALA B 10 -3.09 18.98 -1.73
CA ALA B 10 -2.85 17.78 -2.53
C ALA B 10 -3.98 16.78 -2.35
N SER B 11 -4.44 16.64 -1.09
CA SER B 11 -5.52 15.73 -0.72
C SER B 11 -6.81 16.09 -1.44
N ALA B 12 -7.19 17.39 -1.40
CA ALA B 12 -8.40 17.93 -2.04
C ALA B 12 -8.43 17.69 -3.55
N ALA B 13 -7.27 17.92 -4.21
CA ALA B 13 -7.04 17.79 -5.65
C ALA B 13 -7.45 16.45 -6.27
N ARG B 14 -7.28 15.34 -5.51
CA ARG B 14 -7.57 13.96 -5.92
C ARG B 14 -8.97 13.78 -6.48
N ASN B 15 -9.07 13.07 -7.61
CA ASN B 15 -10.32 12.80 -8.29
C ASN B 15 -10.57 11.27 -8.44
N PRO B 16 -11.81 10.80 -8.60
CA PRO B 16 -12.02 9.35 -8.84
C PRO B 16 -11.59 8.97 -10.26
N SER B 17 -11.28 7.70 -10.49
CA SER B 17 -10.84 7.19 -11.79
C SER B 17 -11.89 7.41 -12.88
N PRO B 18 -11.46 7.85 -14.10
CA PRO B 18 -12.43 8.04 -15.19
C PRO B 18 -13.05 6.74 -15.66
N ILE B 19 -12.34 5.61 -15.42
CA ILE B 19 -12.76 4.25 -15.76
C ILE B 19 -13.70 3.68 -14.68
N ARG B 20 -15.02 3.67 -14.98
CA ARG B 20 -16.07 3.21 -14.06
C ARG B 20 -16.17 1.68 -13.90
N THR B 21 -16.28 1.19 -12.64
CA THR B 21 -16.38 -0.25 -12.29
C THR B 21 -17.58 -0.53 -11.37
N MET B 22 -17.84 -1.82 -10.97
CA MET B 22 -18.96 -2.25 -10.09
C MET B 22 -19.16 -3.76 -10.01
N THR B 23 -19.80 -4.26 -8.91
CA THR B 23 -20.15 -5.68 -8.84
C THR B 23 -21.43 -5.96 -9.65
N ASP B 24 -21.37 -6.96 -10.55
CA ASP B 24 -22.40 -7.40 -11.51
C ASP B 24 -23.84 -7.59 -11.04
N ILE B 25 -24.14 -8.65 -10.24
CA ILE B 25 -25.50 -8.97 -9.76
C ILE B 25 -26.58 -9.29 -10.84
N LEU B 26 -26.60 -8.53 -11.96
CA LEU B 26 -27.54 -8.69 -13.10
C LEU B 26 -27.28 -9.89 -14.01
N SER B 27 -26.13 -10.55 -13.87
CA SER B 27 -25.79 -11.67 -14.75
C SER B 27 -25.84 -13.07 -14.12
N ARG B 28 -25.32 -14.05 -14.88
CA ARG B 28 -25.10 -15.48 -14.63
C ARG B 28 -25.68 -16.04 -13.30
N GLY B 29 -24.97 -15.76 -12.21
CA GLY B 29 -25.29 -16.20 -10.86
C GLY B 29 -24.27 -15.67 -9.87
N PRO B 30 -22.98 -16.12 -9.94
CA PRO B 30 -22.00 -15.60 -8.97
C PRO B 30 -21.56 -14.18 -9.30
N LYS B 31 -21.87 -13.23 -8.40
CA LYS B 31 -21.51 -11.83 -8.60
C LYS B 31 -20.02 -11.57 -8.33
N SER B 32 -19.41 -10.78 -9.23
CA SER B 32 -18.03 -10.34 -9.23
C SER B 32 -17.99 -8.95 -9.88
N MET B 33 -16.93 -8.16 -9.64
CA MET B 33 -16.87 -6.84 -10.26
C MET B 33 -16.50 -6.86 -11.75
N ILE B 34 -17.04 -5.88 -12.48
CA ILE B 34 -16.86 -5.68 -13.91
C ILE B 34 -16.39 -4.24 -14.17
N SER B 35 -15.70 -4.00 -15.30
CA SER B 35 -15.28 -2.65 -15.67
C SER B 35 -16.09 -2.16 -16.87
N LEU B 36 -16.66 -0.93 -16.74
CA LEU B 36 -17.51 -0.30 -17.74
C LEU B 36 -16.78 0.25 -18.96
N ALA B 37 -15.42 0.10 -18.99
CA ALA B 37 -14.60 0.49 -20.13
C ALA B 37 -14.26 -0.66 -21.14
N GLY B 38 -13.41 -1.67 -20.85
CA GLY B 38 -12.62 -1.89 -19.63
C GLY B 38 -11.45 -2.84 -19.89
N GLY B 39 -10.30 -2.55 -19.26
CA GLY B 39 -9.08 -3.30 -19.50
C GLY B 39 -8.72 -4.33 -18.47
N LEU B 40 -9.72 -5.11 -18.01
CA LEU B 40 -9.48 -6.17 -17.03
C LEU B 40 -8.79 -7.33 -17.75
N PRO B 41 -7.66 -7.87 -17.19
CA PRO B 41 -6.98 -8.98 -17.86
C PRO B 41 -7.87 -10.21 -17.87
N ASN B 42 -7.68 -11.11 -18.86
CA ASN B 42 -8.49 -12.30 -18.92
C ASN B 42 -8.16 -13.26 -17.74
N PRO B 43 -9.17 -13.58 -16.90
CA PRO B 43 -8.92 -14.49 -15.77
C PRO B 43 -8.72 -15.96 -16.16
N ASN B 44 -9.12 -16.35 -17.39
CA ASN B 44 -8.93 -17.72 -17.88
C ASN B 44 -7.43 -17.99 -18.24
N MET B 45 -6.56 -16.99 -18.00
CA MET B 45 -5.11 -17.06 -18.24
C MET B 45 -4.33 -17.26 -16.94
N PHE B 46 -4.96 -16.95 -15.79
CA PHE B 46 -4.36 -17.05 -14.46
C PHE B 46 -4.11 -18.51 -14.08
N PRO B 47 -2.90 -18.83 -13.57
CA PRO B 47 -2.57 -20.25 -13.27
C PRO B 47 -3.27 -20.92 -12.08
N PHE B 48 -3.75 -20.15 -11.10
CA PHE B 48 -4.44 -20.74 -9.94
C PHE B 48 -5.90 -21.02 -10.30
N LYS B 49 -6.38 -22.25 -10.01
CA LYS B 49 -7.71 -22.68 -10.45
C LYS B 49 -8.81 -22.86 -9.40
N THR B 50 -8.49 -23.51 -8.26
CA THR B 50 -9.42 -23.75 -7.13
C THR B 50 -8.63 -23.74 -5.82
N ALA B 51 -9.30 -23.49 -4.70
CA ALA B 51 -8.61 -23.48 -3.41
C ALA B 51 -9.47 -24.00 -2.29
N VAL B 52 -8.83 -24.67 -1.33
CA VAL B 52 -9.47 -25.20 -0.13
C VAL B 52 -8.56 -24.94 1.05
N ILE B 53 -9.05 -24.10 1.96
CA ILE B 53 -8.37 -23.69 3.18
C ILE B 53 -9.11 -24.27 4.39
N THR B 54 -8.37 -24.97 5.27
CA THR B 54 -8.91 -25.57 6.48
C THR B 54 -8.99 -24.53 7.60
N VAL B 55 -10.06 -24.61 8.41
CA VAL B 55 -10.28 -23.73 9.54
C VAL B 55 -10.56 -24.53 10.81
N GLU B 56 -9.76 -24.23 11.88
CA GLU B 56 -9.91 -24.75 13.23
C GLU B 56 -11.07 -23.93 13.83
N ASN B 57 -12.15 -24.62 14.28
CA ASN B 57 -13.36 -23.98 14.83
C ASN B 57 -14.26 -23.24 13.83
N GLY B 58 -14.28 -23.73 12.60
CA GLY B 58 -15.09 -23.19 11.51
C GLY B 58 -15.26 -24.22 10.41
N LYS B 59 -16.14 -23.93 9.45
CA LYS B 59 -16.34 -24.83 8.30
C LYS B 59 -15.12 -24.61 7.36
N THR B 60 -14.80 -25.61 6.51
CA THR B 60 -13.69 -25.48 5.55
C THR B 60 -14.06 -24.49 4.44
N ILE B 61 -13.20 -23.47 4.18
CA ILE B 61 -13.39 -22.41 3.16
C ILE B 61 -13.05 -22.98 1.77
N GLN B 62 -13.87 -22.71 0.75
CA GLN B 62 -13.62 -23.22 -0.60
C GLN B 62 -13.80 -22.19 -1.69
N PHE B 63 -12.80 -22.07 -2.57
CA PHE B 63 -12.91 -21.18 -3.71
C PHE B 63 -13.04 -22.08 -4.94
N GLY B 64 -14.23 -22.13 -5.51
CA GLY B 64 -14.52 -22.88 -6.72
C GLY B 64 -13.99 -22.18 -7.95
N GLU B 65 -14.24 -22.76 -9.14
CA GLU B 65 -13.77 -22.25 -10.43
C GLU B 65 -13.99 -20.74 -10.62
N GLU B 66 -15.22 -20.29 -10.38
CA GLU B 66 -15.63 -18.90 -10.53
C GLU B 66 -15.19 -17.97 -9.40
N MET B 67 -15.27 -18.45 -8.13
CA MET B 67 -14.83 -17.73 -6.94
C MET B 67 -13.33 -17.39 -7.05
N MET B 68 -12.52 -18.34 -7.56
CA MET B 68 -11.09 -18.17 -7.79
C MET B 68 -10.82 -17.08 -8.84
N LYS B 69 -11.61 -17.06 -9.93
CA LYS B 69 -11.47 -16.04 -10.97
C LYS B 69 -11.75 -14.65 -10.38
N ARG B 70 -12.73 -14.55 -9.48
CA ARG B 70 -13.04 -13.30 -8.79
C ARG B 70 -11.87 -12.90 -7.87
N ALA B 71 -11.36 -13.85 -7.07
CA ALA B 71 -10.27 -13.67 -6.11
C ALA B 71 -8.96 -13.19 -6.74
N LEU B 72 -8.67 -13.67 -7.97
CA LEU B 72 -7.44 -13.34 -8.69
C LEU B 72 -7.51 -12.08 -9.56
N GLN B 73 -8.69 -11.41 -9.56
CA GLN B 73 -8.99 -10.22 -10.36
C GLN B 73 -9.11 -8.94 -9.51
N TYR B 74 -8.99 -7.75 -10.17
CA TYR B 74 -9.14 -6.47 -9.51
C TYR B 74 -10.53 -6.39 -8.81
N SER B 75 -10.64 -5.51 -7.79
CA SER B 75 -11.85 -5.28 -7.01
C SER B 75 -11.91 -3.81 -6.50
N PRO B 76 -13.08 -3.29 -6.00
CA PRO B 76 -13.15 -1.88 -5.57
C PRO B 76 -12.10 -1.42 -4.54
N SER B 77 -11.69 -0.15 -4.66
CA SER B 77 -10.70 0.49 -3.80
C SER B 77 -10.99 0.41 -2.30
N ALA B 78 -12.27 0.61 -1.91
CA ALA B 78 -12.73 0.61 -0.51
C ALA B 78 -12.83 -0.77 0.13
N GLY B 79 -12.87 -1.80 -0.70
CA GLY B 79 -13.01 -3.19 -0.26
C GLY B 79 -14.14 -3.89 -0.98
N ILE B 80 -14.19 -5.23 -0.85
CA ILE B 80 -15.27 -6.02 -1.45
C ILE B 80 -16.60 -5.73 -0.70
N PRO B 81 -17.74 -5.57 -1.41
CA PRO B 81 -18.99 -5.18 -0.71
C PRO B 81 -19.41 -6.00 0.49
N GLU B 82 -19.28 -7.33 0.42
CA GLU B 82 -19.65 -8.24 1.50
C GLU B 82 -18.84 -8.05 2.77
N LEU B 83 -17.52 -7.76 2.64
CA LEU B 83 -16.63 -7.48 3.80
C LEU B 83 -16.97 -6.12 4.43
N LEU B 84 -17.21 -5.07 3.59
CA LEU B 84 -17.59 -3.74 4.05
C LEU B 84 -18.90 -3.71 4.82
N SER B 85 -19.94 -4.43 4.34
CA SER B 85 -21.23 -4.46 5.05
C SER B 85 -21.13 -5.18 6.40
N TRP B 86 -20.34 -6.27 6.47
CA TRP B 86 -20.17 -7.05 7.69
C TRP B 86 -19.46 -6.23 8.77
N LEU B 87 -18.41 -5.51 8.35
CA LEU B 87 -17.62 -4.67 9.26
C LEU B 87 -18.43 -3.47 9.79
N LYS B 88 -19.28 -2.83 8.93
CA LYS B 88 -20.17 -1.73 9.28
C LYS B 88 -21.10 -2.14 10.44
N GLN B 89 -21.67 -3.34 10.33
CA GLN B 89 -22.59 -3.93 11.30
C GLN B 89 -21.89 -4.24 12.62
N LEU B 90 -20.62 -4.66 12.55
CA LEU B 90 -19.82 -4.93 13.74
C LEU B 90 -19.58 -3.63 14.50
N GLN B 91 -19.21 -2.54 13.78
CA GLN B 91 -18.97 -1.20 14.31
C GLN B 91 -20.23 -0.67 14.99
N ILE B 92 -21.41 -0.93 14.40
CA ILE B 92 -22.70 -0.55 14.99
C ILE B 92 -22.97 -1.32 16.32
N LYS B 93 -22.79 -2.67 16.36
CA LYS B 93 -23.05 -3.42 17.60
C LYS B 93 -22.07 -3.15 18.71
N LEU B 94 -20.84 -2.83 18.35
CA LEU B 94 -19.78 -2.61 19.31
C LEU B 94 -19.70 -1.16 19.78
N HIS B 95 -19.88 -0.19 18.84
CA HIS B 95 -19.70 1.22 19.18
C HIS B 95 -20.93 2.13 19.02
N ASN B 96 -21.98 1.69 18.29
CA ASN B 96 -23.17 2.48 18.01
C ASN B 96 -22.82 3.98 17.88
N PRO B 97 -22.03 4.36 16.84
CA PRO B 97 -21.61 5.76 16.74
C PRO B 97 -22.77 6.71 16.47
N PRO B 98 -22.75 7.91 17.06
CA PRO B 98 -23.86 8.86 16.81
C PRO B 98 -24.02 9.30 15.34
N THR B 99 -22.91 9.26 14.57
CA THR B 99 -22.80 9.70 13.18
C THR B 99 -23.46 8.85 12.06
N ILE B 100 -24.00 7.67 12.39
CA ILE B 100 -24.62 6.75 11.43
C ILE B 100 -25.58 7.38 10.38
N HIS B 101 -26.63 8.09 10.83
CA HIS B 101 -27.62 8.68 9.94
C HIS B 101 -27.47 10.16 9.62
N TYR B 102 -26.33 10.75 10.00
CA TYR B 102 -26.01 12.16 9.73
C TYR B 102 -25.89 12.39 8.21
N PRO B 103 -26.12 13.62 7.68
CA PRO B 103 -25.90 13.84 6.23
C PRO B 103 -24.43 13.59 5.85
N PRO B 104 -24.13 13.04 4.63
CA PRO B 104 -22.73 12.77 4.27
C PRO B 104 -21.72 13.87 4.54
N SER B 105 -22.07 15.13 4.23
CA SER B 105 -21.22 16.31 4.45
C SER B 105 -21.06 16.65 5.94
N GLN B 106 -22.00 16.22 6.81
CA GLN B 106 -21.96 16.46 8.25
C GLN B 106 -21.11 15.43 9.03
N GLY B 107 -20.43 14.54 8.29
CA GLY B 107 -19.54 13.53 8.82
C GLY B 107 -20.13 12.17 9.05
N GLN B 108 -21.03 11.73 8.14
CA GLN B 108 -21.68 10.41 8.18
C GLN B 108 -20.62 9.30 8.30
N MET B 109 -20.91 8.28 9.15
CA MET B 109 -19.99 7.16 9.39
C MET B 109 -19.73 6.38 8.10
N ASP B 110 -18.45 6.25 7.74
CA ASP B 110 -18.00 5.52 6.56
C ASP B 110 -16.81 4.65 6.92
N LEU B 111 -16.59 3.60 6.12
CA LEU B 111 -15.55 2.59 6.34
C LEU B 111 -14.79 2.26 5.08
N CYS B 112 -13.54 1.82 5.25
CA CYS B 112 -12.77 1.30 4.14
C CYS B 112 -11.73 0.28 4.60
N VAL B 113 -11.55 -0.77 3.79
CA VAL B 113 -10.57 -1.81 4.04
C VAL B 113 -9.23 -1.27 3.52
N THR B 114 -8.17 -1.40 4.35
CA THR B 114 -6.81 -0.96 4.01
C THR B 114 -5.84 -2.15 4.03
N SER B 115 -4.65 -1.99 3.45
CA SER B 115 -3.66 -3.06 3.43
C SER B 115 -2.86 -3.03 4.73
N GLY B 116 -3.60 -3.36 5.81
CA GLY B 116 -3.16 -3.29 7.20
C GLY B 116 -3.64 -1.98 7.77
N SER B 117 -3.69 -1.86 9.10
CA SER B 117 -4.13 -0.61 9.72
C SER B 117 -3.09 0.52 9.54
N GLN B 118 -1.82 0.14 9.26
CA GLN B 118 -0.71 1.07 9.03
C GLN B 118 -0.94 1.93 7.76
N GLN B 119 -1.58 1.34 6.74
CA GLN B 119 -1.85 2.04 5.50
C GLN B 119 -2.86 3.16 5.72
N GLY B 120 -3.91 2.88 6.49
CA GLY B 120 -4.95 3.86 6.85
C GLY B 120 -4.35 5.02 7.60
N LEU B 121 -3.57 4.72 8.65
CA LEU B 121 -2.87 5.71 9.48
C LEU B 121 -1.98 6.62 8.62
N CYS B 122 -1.20 6.01 7.71
CA CYS B 122 -0.29 6.69 6.80
C CYS B 122 -1.00 7.70 5.90
N LYS B 123 -2.06 7.24 5.20
CA LYS B 123 -2.85 8.06 4.29
C LYS B 123 -3.53 9.22 5.02
N VAL B 124 -3.96 8.97 6.30
CA VAL B 124 -4.62 9.95 7.17
C VAL B 124 -3.62 11.02 7.57
N PHE B 125 -2.41 10.63 7.98
CA PHE B 125 -1.37 11.57 8.36
C PHE B 125 -0.97 12.47 7.19
N GLU B 126 -0.83 11.87 5.99
CA GLU B 126 -0.44 12.55 4.74
C GLU B 126 -1.53 13.54 4.24
N MET B 127 -2.81 13.22 4.55
CA MET B 127 -3.99 13.99 4.20
C MET B 127 -4.03 15.29 4.99
N ILE B 128 -3.70 15.21 6.30
CA ILE B 128 -3.74 16.30 7.29
C ILE B 128 -2.52 17.23 7.35
N ILE B 129 -1.33 16.66 7.60
CA ILE B 129 -0.09 17.39 7.88
C ILE B 129 0.54 18.20 6.78
N ASN B 130 0.72 19.51 7.06
CA ASN B 130 1.44 20.49 6.24
C ASN B 130 2.70 20.81 7.05
N PRO B 131 3.87 21.05 6.41
CA PRO B 131 5.08 21.35 7.21
C PRO B 131 4.87 22.53 8.15
N GLY B 132 5.09 22.27 9.45
CA GLY B 132 4.96 23.26 10.52
C GLY B 132 3.69 23.21 11.35
N ASP B 133 2.84 22.19 11.13
CA ASP B 133 1.58 21.98 11.84
C ASP B 133 1.84 21.38 13.22
N ASN B 134 1.02 21.75 14.22
CA ASN B 134 1.16 21.23 15.56
C ASN B 134 0.30 19.98 15.71
N VAL B 135 0.88 18.90 16.29
CA VAL B 135 0.17 17.63 16.54
C VAL B 135 0.38 17.18 17.98
N LEU B 136 -0.68 16.63 18.59
CA LEU B 136 -0.65 16.17 19.98
C LEU B 136 -0.51 14.69 20.03
N LEU B 137 0.40 14.23 20.89
CA LEU B 137 0.78 12.82 21.03
C LEU B 137 1.35 12.59 22.43
N ASP B 138 1.35 11.33 22.88
CA ASP B 138 1.91 10.93 24.18
C ASP B 138 3.16 10.05 24.02
N GLU B 139 4.31 10.51 24.54
CA GLU B 139 5.57 9.74 24.52
C GLU B 139 5.61 8.93 25.83
N PRO B 140 6.01 7.64 25.80
CA PRO B 140 6.43 6.86 24.62
C PRO B 140 5.27 6.41 23.74
N ALA B 141 5.53 6.38 22.43
CA ALA B 141 4.55 6.04 21.39
C ALA B 141 5.05 4.96 20.42
N TYR B 142 4.12 4.38 19.62
CA TYR B 142 4.44 3.36 18.61
C TYR B 142 5.42 3.95 17.60
N SER B 143 6.60 3.33 17.45
CA SER B 143 7.68 3.76 16.55
C SER B 143 7.25 3.95 15.10
N GLY B 144 6.30 3.13 14.63
CA GLY B 144 5.74 3.22 13.30
C GLY B 144 5.08 4.56 13.04
N THR B 145 4.40 5.14 14.06
CA THR B 145 3.76 6.45 13.88
C THR B 145 4.77 7.56 13.92
N LEU B 146 5.80 7.42 14.78
CA LEU B 146 6.87 8.42 14.91
C LEU B 146 7.69 8.48 13.62
N GLN B 147 7.97 7.29 13.05
CA GLN B 147 8.70 7.16 11.81
C GLN B 147 7.93 7.71 10.61
N SER B 148 6.59 7.70 10.71
CA SER B 148 5.65 8.24 9.72
C SER B 148 5.60 9.75 9.82
N LEU B 149 5.49 10.31 11.05
CA LEU B 149 5.36 11.74 11.27
C LEU B 149 6.62 12.56 11.04
N HIS B 150 7.79 12.02 11.41
CA HIS B 150 9.10 12.68 11.30
C HIS B 150 9.39 13.33 9.91
N PRO B 151 9.21 12.64 8.75
CA PRO B 151 9.48 13.30 7.46
C PRO B 151 8.47 14.40 7.06
N LEU B 152 7.30 14.43 7.74
CA LEU B 152 6.21 15.38 7.47
C LEU B 152 6.45 16.78 8.02
N GLY B 153 7.53 16.97 8.78
CA GLY B 153 7.93 18.25 9.33
C GLY B 153 6.88 18.94 10.18
N CYS B 154 6.27 18.18 11.08
CA CYS B 154 5.26 18.69 11.99
C CYS B 154 5.86 18.76 13.38
N ASN B 155 5.27 19.59 14.26
CA ASN B 155 5.75 19.75 15.64
C ASN B 155 4.95 18.82 16.55
N ILE B 156 5.63 17.80 17.11
CA ILE B 156 5.00 16.86 18.03
C ILE B 156 5.14 17.41 19.46
N ILE B 157 3.99 17.74 20.09
CA ILE B 157 3.87 18.26 21.45
C ILE B 157 3.52 17.08 22.34
N ASN B 158 4.44 16.70 23.24
CA ASN B 158 4.21 15.55 24.13
C ASN B 158 3.25 15.86 25.29
N VAL B 159 2.27 14.98 25.49
CA VAL B 159 1.26 15.08 26.56
C VAL B 159 1.63 14.06 27.63
N ALA B 160 1.66 14.50 28.90
CA ALA B 160 2.00 13.61 30.01
C ALA B 160 1.01 12.45 30.15
N SER B 161 1.54 11.27 30.51
CA SER B 161 0.76 10.05 30.71
C SER B 161 1.21 9.25 31.96
N ASP B 162 0.32 8.37 32.44
CA ASP B 162 0.56 7.48 33.57
C ASP B 162 -0.07 6.10 33.31
N GLU B 163 -0.29 5.26 34.35
CA GLU B 163 -0.87 3.91 34.28
C GLU B 163 -2.26 3.89 33.62
N SER B 164 -3.00 5.03 33.68
CA SER B 164 -4.33 5.16 33.09
C SER B 164 -4.31 5.95 31.77
N GLY B 165 -3.15 5.92 31.10
CA GLY B 165 -2.89 6.60 29.84
C GLY B 165 -2.74 8.11 29.95
N ILE B 166 -3.15 8.84 28.89
CA ILE B 166 -3.12 10.29 28.78
C ILE B 166 -3.75 10.91 30.03
N VAL B 167 -3.09 11.95 30.57
CA VAL B 167 -3.57 12.68 31.74
C VAL B 167 -4.31 13.91 31.21
N PRO B 168 -5.64 14.03 31.44
CA PRO B 168 -6.40 15.18 30.90
C PRO B 168 -5.94 16.57 31.34
N ASP B 169 -5.40 16.71 32.56
CA ASP B 169 -4.90 18.00 33.05
C ASP B 169 -3.65 18.49 32.32
N SER B 170 -2.81 17.56 31.85
CA SER B 170 -1.61 17.87 31.05
C SER B 170 -2.05 18.48 29.73
N LEU B 171 -3.04 17.85 29.07
CA LEU B 171 -3.66 18.27 27.81
C LEU B 171 -4.31 19.65 27.99
N ARG B 172 -4.95 19.89 29.15
CA ARG B 172 -5.58 21.17 29.49
C ARG B 172 -4.51 22.27 29.57
N ASP B 173 -3.41 22.01 30.29
CA ASP B 173 -2.27 22.91 30.49
C ASP B 173 -1.62 23.25 29.14
N ILE B 174 -1.42 22.24 28.28
CA ILE B 174 -0.83 22.43 26.96
C ILE B 174 -1.72 23.35 26.09
N LEU B 175 -3.01 22.97 25.91
CA LEU B 175 -4.01 23.69 25.12
C LEU B 175 -4.22 25.14 25.50
N SER B 176 -3.91 25.51 26.76
CA SER B 176 -4.06 26.87 27.28
C SER B 176 -3.21 27.93 26.55
N ARG B 177 -2.20 27.49 25.76
CA ARG B 177 -1.35 28.41 25.01
C ARG B 177 -2.07 29.17 23.88
N TRP B 178 -3.27 28.66 23.49
CA TRP B 178 -4.20 29.23 22.53
C TRP B 178 -5.54 29.48 23.24
N LYS B 179 -6.49 30.15 22.55
CA LYS B 179 -7.84 30.44 23.01
C LYS B 179 -8.80 29.63 22.13
N PRO B 180 -9.97 29.12 22.63
CA PRO B 180 -10.89 28.37 21.74
C PRO B 180 -11.21 29.05 20.41
N GLU B 181 -11.31 30.40 20.41
CA GLU B 181 -11.57 31.23 19.23
C GLU B 181 -10.48 31.12 18.15
N ASP B 182 -9.22 30.82 18.55
CA ASP B 182 -8.06 30.69 17.66
C ASP B 182 -8.20 29.60 16.59
N ALA B 183 -8.97 28.50 16.86
CA ALA B 183 -9.19 27.40 15.91
C ALA B 183 -9.79 27.91 14.59
N LYS B 184 -10.65 28.93 14.69
CA LYS B 184 -11.32 29.61 13.58
C LYS B 184 -10.35 30.52 12.78
N ASN B 185 -9.23 30.95 13.41
CA ASN B 185 -8.20 31.79 12.78
C ASN B 185 -7.05 30.92 12.24
N PRO B 186 -6.93 30.81 10.87
CA PRO B 186 -5.89 29.93 10.30
C PRO B 186 -4.45 30.19 10.73
N GLN B 187 -4.04 31.48 10.81
CA GLN B 187 -2.68 31.85 11.20
C GLN B 187 -2.29 31.66 12.69
N LYS B 188 -3.23 31.24 13.55
CA LYS B 188 -2.92 31.01 14.97
C LYS B 188 -2.19 29.66 15.20
N ASN B 189 -2.36 28.70 14.24
CA ASN B 189 -1.74 27.38 14.21
C ASN B 189 -2.05 26.42 15.39
N THR B 190 -3.35 26.25 15.69
CA THR B 190 -3.87 25.37 16.75
C THR B 190 -3.69 23.88 16.35
N PRO B 191 -3.63 22.92 17.30
CA PRO B 191 -3.42 21.51 16.91
C PRO B 191 -4.45 20.92 15.95
N LYS B 192 -3.97 20.19 14.94
CA LYS B 192 -4.81 19.54 13.93
C LYS B 192 -5.51 18.29 14.50
N PHE B 193 -4.79 17.50 15.29
CA PHE B 193 -5.33 16.29 15.89
C PHE B 193 -4.56 15.86 17.13
N LEU B 194 -5.13 14.88 17.83
CA LEU B 194 -4.54 14.18 18.97
C LEU B 194 -4.54 12.72 18.56
N TYR B 195 -3.35 12.09 18.60
CA TYR B 195 -3.18 10.67 18.25
C TYR B 195 -3.03 9.87 19.54
N THR B 196 -3.76 8.75 19.67
CA THR B 196 -3.69 7.89 20.85
C THR B 196 -4.06 6.44 20.58
N VAL B 197 -3.37 5.52 21.27
CA VAL B 197 -3.62 4.08 21.26
C VAL B 197 -4.34 3.89 22.59
N PRO B 198 -5.68 3.85 22.61
CA PRO B 198 -6.40 3.84 23.90
C PRO B 198 -6.28 2.60 24.79
N ASN B 199 -6.05 1.44 24.19
CA ASN B 199 -5.95 0.17 24.90
C ASN B 199 -4.58 -0.45 24.69
N GLY B 200 -3.87 -0.66 25.81
CA GLY B 200 -2.56 -1.27 25.84
C GLY B 200 -1.57 -0.63 24.90
N ASN B 201 -1.32 0.67 25.09
CA ASN B 201 -0.40 1.48 24.30
C ASN B 201 0.94 0.78 24.03
N ASN B 202 1.41 0.83 22.79
CA ASN B 202 2.72 0.32 22.41
C ASN B 202 3.69 1.49 22.70
N PRO B 203 4.66 1.39 23.63
CA PRO B 203 5.14 0.20 24.36
C PRO B 203 4.69 -0.04 25.82
N THR B 204 3.96 0.91 26.44
CA THR B 204 3.57 0.88 27.86
C THR B 204 2.65 -0.25 28.35
N GLY B 205 1.66 -0.60 27.53
CA GLY B 205 0.64 -1.57 27.89
C GLY B 205 -0.45 -0.93 28.74
N ASN B 206 -0.39 0.41 28.92
CA ASN B 206 -1.35 1.19 29.70
C ASN B 206 -2.61 1.55 28.91
N SER B 207 -3.79 1.56 29.60
CA SER B 207 -5.09 1.83 28.97
C SER B 207 -5.87 2.99 29.58
N LEU B 208 -6.54 3.80 28.71
CA LEU B 208 -7.38 4.94 29.10
C LEU B 208 -8.69 4.49 29.75
N THR B 209 -9.23 5.30 30.66
CA THR B 209 -10.49 5.05 31.36
C THR B 209 -11.66 5.80 30.68
N SER B 210 -12.91 5.41 31.00
CA SER B 210 -14.13 6.02 30.43
C SER B 210 -14.19 7.52 30.71
N GLU B 211 -13.95 7.90 31.98
CA GLU B 211 -13.96 9.26 32.52
C GLU B 211 -12.93 10.14 31.82
N ARG B 212 -11.70 9.63 31.65
CA ARG B 212 -10.60 10.31 30.95
C ARG B 212 -10.95 10.59 29.47
N LYS B 213 -11.50 9.58 28.76
CA LYS B 213 -11.92 9.69 27.36
C LYS B 213 -12.97 10.81 27.19
N LYS B 214 -14.00 10.80 28.07
CA LYS B 214 -15.06 11.83 28.11
C LYS B 214 -14.43 13.23 28.17
N GLU B 215 -13.51 13.43 29.16
CA GLU B 215 -12.71 14.64 29.39
C GLU B 215 -11.88 15.04 28.16
N ILE B 216 -11.22 14.05 27.50
CA ILE B 216 -10.42 14.28 26.31
C ILE B 216 -11.33 14.77 25.18
N TYR B 217 -12.47 14.06 24.92
CA TYR B 217 -13.46 14.49 23.90
C TYR B 217 -13.94 15.93 24.12
N GLU B 218 -14.21 16.33 25.38
CA GLU B 218 -14.68 17.68 25.71
C GLU B 218 -13.69 18.76 25.27
N LEU B 219 -12.37 18.45 25.38
CA LEU B 219 -11.28 19.35 24.97
C LEU B 219 -11.13 19.46 23.46
N ALA B 220 -11.32 18.33 22.74
CA ALA B 220 -11.28 18.27 21.27
C ALA B 220 -12.40 19.13 20.63
N ARG B 221 -13.58 19.26 21.28
CA ARG B 221 -14.68 20.10 20.79
C ARG B 221 -14.25 21.55 20.95
N LYS B 222 -13.89 21.92 22.22
CA LYS B 222 -13.46 23.25 22.68
C LYS B 222 -12.40 23.88 21.78
N TYR B 223 -11.35 23.11 21.44
CA TYR B 223 -10.22 23.56 20.61
C TYR B 223 -10.27 23.05 19.16
N ASP B 224 -11.41 22.42 18.78
CA ASP B 224 -11.67 21.88 17.44
C ASP B 224 -10.50 21.10 16.80
N PHE B 225 -10.22 19.92 17.34
CA PHE B 225 -9.19 19.04 16.78
C PHE B 225 -9.68 17.61 16.65
N LEU B 226 -9.22 16.88 15.64
CA LEU B 226 -9.65 15.48 15.45
C LEU B 226 -8.99 14.56 16.47
N ILE B 227 -9.53 13.34 16.61
CA ILE B 227 -8.98 12.31 17.50
C ILE B 227 -8.67 11.10 16.62
N ILE B 228 -7.39 10.70 16.59
CA ILE B 228 -6.98 9.53 15.82
C ILE B 228 -6.86 8.35 16.77
N GLU B 229 -7.92 7.53 16.80
CA GLU B 229 -8.05 6.34 17.64
C GLU B 229 -7.41 5.14 16.98
N ASP B 230 -6.11 4.90 17.26
CA ASP B 230 -5.40 3.73 16.72
C ASP B 230 -5.57 2.61 17.75
N ASP B 231 -6.58 1.75 17.56
CA ASP B 231 -6.96 0.71 18.50
C ASP B 231 -6.72 -0.75 17.98
N PRO B 232 -5.46 -1.24 17.84
CA PRO B 232 -5.27 -2.62 17.39
C PRO B 232 -5.48 -3.66 18.49
N TYR B 233 -5.30 -3.26 19.76
CA TYR B 233 -5.45 -4.15 20.92
C TYR B 233 -6.82 -4.07 21.58
N TYR B 234 -7.84 -3.53 20.85
CA TYR B 234 -9.22 -3.38 21.34
C TYR B 234 -9.82 -4.74 21.77
N PHE B 235 -9.49 -5.79 21.00
CA PHE B 235 -9.94 -7.15 21.24
C PHE B 235 -8.94 -7.94 22.07
N LEU B 236 -8.04 -7.27 22.80
CA LEU B 236 -7.05 -7.92 23.67
C LEU B 236 -7.03 -7.32 25.08
N GLN B 237 -8.18 -6.77 25.51
CA GLN B 237 -8.37 -6.19 26.83
C GLN B 237 -8.48 -7.36 27.83
N PHE B 238 -7.68 -7.31 28.92
CA PHE B 238 -7.60 -8.36 29.94
C PHE B 238 -8.66 -8.29 31.03
N ASN B 239 -9.24 -7.11 31.26
CA ASN B 239 -10.29 -7.00 32.27
C ASN B 239 -11.71 -7.10 31.72
N SER B 240 -12.59 -7.71 32.52
CA SER B 240 -14.00 -7.93 32.24
C SER B 240 -14.79 -6.67 31.79
N GLY B 241 -15.30 -6.71 30.58
CA GLY B 241 -16.06 -5.61 30.01
C GLY B 241 -15.18 -4.53 29.41
N ARG B 242 -15.28 -4.37 28.08
CA ARG B 242 -14.52 -3.38 27.29
C ARG B 242 -14.99 -1.94 27.58
N VAL B 243 -14.02 -1.01 27.60
CA VAL B 243 -14.22 0.42 27.86
C VAL B 243 -14.84 1.08 26.60
N PRO B 244 -15.82 2.01 26.72
CA PRO B 244 -16.36 2.67 25.52
C PRO B 244 -15.25 3.41 24.75
N THR B 245 -15.32 3.37 23.42
CA THR B 245 -14.32 3.99 22.54
C THR B 245 -14.66 5.45 22.23
N PHE B 246 -13.65 6.23 21.75
CA PHE B 246 -13.84 7.60 21.32
C PHE B 246 -14.94 7.73 20.24
N LEU B 247 -14.96 6.76 19.30
CA LEU B 247 -15.94 6.66 18.21
C LEU B 247 -17.37 6.54 18.77
N SER B 248 -17.55 5.79 19.89
CA SER B 248 -18.86 5.58 20.53
C SER B 248 -19.47 6.88 21.04
N MET B 249 -18.63 7.83 21.46
CA MET B 249 -19.03 9.12 22.00
C MET B 249 -18.86 10.27 20.98
N ASP B 250 -18.61 9.94 19.69
CA ASP B 250 -18.37 10.93 18.62
C ASP B 250 -19.62 11.63 18.06
N VAL B 251 -20.14 12.58 18.84
CA VAL B 251 -21.34 13.36 18.52
C VAL B 251 -21.10 14.32 17.33
N ASP B 252 -19.87 14.88 17.22
CA ASP B 252 -19.44 15.87 16.23
C ASP B 252 -18.91 15.32 14.90
N GLY B 253 -18.43 14.08 14.91
CA GLY B 253 -17.82 13.49 13.72
C GLY B 253 -16.41 14.00 13.56
N ARG B 254 -15.66 13.98 14.69
CA ARG B 254 -14.27 14.42 14.75
C ARG B 254 -13.30 13.26 15.03
N VAL B 255 -13.79 12.01 14.99
CA VAL B 255 -12.99 10.82 15.29
C VAL B 255 -12.69 9.94 14.08
N ILE B 256 -11.40 9.60 13.88
CA ILE B 256 -10.92 8.67 12.86
C ILE B 256 -10.37 7.46 13.62
N ARG B 257 -11.04 6.30 13.49
CA ARG B 257 -10.68 5.06 14.16
C ARG B 257 -10.04 4.05 13.22
N ALA B 258 -8.89 3.48 13.63
CA ALA B 258 -8.20 2.40 12.91
C ALA B 258 -8.35 1.10 13.69
N ASP B 259 -8.77 0.02 12.99
CA ASP B 259 -8.92 -1.34 13.50
C ASP B 259 -8.01 -2.28 12.70
N SER B 260 -7.50 -3.33 13.37
CA SER B 260 -6.60 -4.29 12.76
C SER B 260 -6.94 -5.75 13.09
N PHE B 261 -6.81 -6.63 12.08
CA PHE B 261 -6.99 -8.08 12.24
C PHE B 261 -5.66 -8.79 12.55
N SER B 262 -4.52 -8.06 12.52
CA SER B 262 -3.16 -8.54 12.73
C SER B 262 -2.91 -9.31 14.02
N LYS B 263 -3.53 -8.86 15.12
CA LYS B 263 -3.33 -9.54 16.41
C LYS B 263 -4.34 -10.65 16.66
N ILE B 264 -5.43 -10.71 15.88
CA ILE B 264 -6.53 -11.66 16.06
C ILE B 264 -6.80 -12.69 14.95
N ILE B 265 -6.57 -12.33 13.66
CA ILE B 265 -6.82 -13.24 12.54
C ILE B 265 -5.55 -13.59 11.74
N SER B 266 -4.81 -12.57 11.26
CA SER B 266 -3.56 -12.71 10.50
C SER B 266 -2.90 -11.37 10.24
N SER B 267 -1.59 -11.30 10.47
CA SER B 267 -0.77 -10.12 10.22
C SER B 267 -0.23 -10.10 8.78
N GLY B 268 0.08 -11.28 8.25
CA GLY B 268 0.61 -11.47 6.90
C GLY B 268 -0.37 -11.30 5.77
N LEU B 269 -1.68 -11.28 6.07
CA LEU B 269 -2.70 -11.11 5.05
C LEU B 269 -2.86 -9.63 4.66
N ARG B 270 -2.40 -8.70 5.53
CA ARG B 270 -2.43 -7.22 5.35
C ARG B 270 -3.87 -6.71 5.13
N ILE B 271 -4.71 -6.86 6.16
CA ILE B 271 -6.11 -6.45 6.11
C ILE B 271 -6.47 -5.75 7.43
N GLY B 272 -6.84 -4.48 7.29
CA GLY B 272 -7.31 -3.63 8.36
C GLY B 272 -8.46 -2.78 7.86
N PHE B 273 -9.00 -1.90 8.73
CA PHE B 273 -10.09 -1.01 8.34
C PHE B 273 -10.11 0.30 9.09
N LEU B 274 -10.52 1.35 8.39
CA LEU B 274 -10.60 2.71 8.90
C LEU B 274 -12.07 3.11 8.99
N THR B 275 -12.46 3.75 10.09
CA THR B 275 -13.82 4.22 10.34
C THR B 275 -13.74 5.68 10.70
N GLY B 276 -14.58 6.49 10.08
CA GLY B 276 -14.61 7.93 10.29
C GLY B 276 -15.57 8.65 9.38
N PRO B 277 -15.49 10.01 9.38
CA PRO B 277 -16.41 10.81 8.56
C PRO B 277 -16.20 10.61 7.07
N LYS B 278 -17.33 10.44 6.31
CA LYS B 278 -17.35 10.25 4.85
C LYS B 278 -16.37 11.23 4.11
N PRO B 279 -16.40 12.58 4.35
CA PRO B 279 -15.44 13.46 3.67
C PRO B 279 -13.96 13.06 3.79
N LEU B 280 -13.51 12.65 5.01
CA LEU B 280 -12.13 12.22 5.27
C LEU B 280 -11.83 10.80 4.77
N ILE B 281 -12.84 9.91 4.85
CA ILE B 281 -12.69 8.53 4.38
C ILE B 281 -12.52 8.53 2.83
N GLU B 282 -13.29 9.39 2.12
CA GLU B 282 -13.22 9.56 0.66
C GLU B 282 -11.78 9.91 0.24
N ARG B 283 -11.20 10.98 0.86
CA ARG B 283 -9.82 11.45 0.64
C ARG B 283 -8.83 10.28 0.73
N VAL B 284 -9.05 9.38 1.74
CA VAL B 284 -8.21 8.20 2.00
C VAL B 284 -8.35 7.13 0.89
N ILE B 285 -9.60 6.81 0.49
CA ILE B 285 -9.92 5.87 -0.60
C ILE B 285 -9.29 6.37 -1.89
N LEU B 286 -9.35 7.70 -2.12
CA LEU B 286 -8.79 8.31 -3.31
C LEU B 286 -7.26 8.25 -3.43
N HIS B 287 -6.54 8.24 -2.29
CA HIS B 287 -5.08 8.10 -2.26
C HIS B 287 -4.74 6.62 -2.53
N ILE B 288 -5.46 5.71 -1.83
CA ILE B 288 -5.28 4.27 -1.96
C ILE B 288 -5.41 3.85 -3.42
N GLN B 289 -6.47 4.36 -4.11
CA GLN B 289 -6.72 4.11 -5.54
C GLN B 289 -5.46 4.39 -6.39
N VAL B 290 -4.58 5.36 -5.98
CA VAL B 290 -3.34 5.65 -6.73
C VAL B 290 -2.09 4.95 -6.16
N SER B 291 -2.22 4.23 -5.04
CA SER B 291 -1.06 3.52 -4.48
C SER B 291 -1.18 2.02 -4.80
N THR B 292 -1.97 1.28 -3.99
CA THR B 292 -2.16 -0.16 -4.11
C THR B 292 -3.37 -0.56 -4.94
N LEU B 293 -4.18 0.42 -5.36
CA LEU B 293 -5.44 0.28 -6.13
C LEU B 293 -6.58 -0.20 -5.24
N HIS B 294 -6.34 -1.34 -4.55
CA HIS B 294 -7.27 -2.00 -3.63
C HIS B 294 -6.55 -3.03 -2.74
N PRO B 295 -7.13 -3.49 -1.59
CA PRO B 295 -6.48 -4.56 -0.82
C PRO B 295 -6.74 -5.90 -1.55
N SER B 296 -5.76 -6.84 -1.52
CA SER B 296 -5.81 -8.15 -2.15
C SER B 296 -7.25 -8.75 -2.15
N THR B 297 -7.81 -9.06 -3.34
CA THR B 297 -9.16 -9.62 -3.47
C THR B 297 -9.21 -10.99 -2.80
N PHE B 298 -8.17 -11.83 -3.05
CA PHE B 298 -8.07 -13.17 -2.47
C PHE B 298 -8.16 -13.11 -0.94
N ASN B 299 -7.31 -12.27 -0.31
CA ASN B 299 -7.21 -12.14 1.15
C ASN B 299 -8.48 -11.68 1.86
N GLN B 300 -9.25 -10.79 1.20
CA GLN B 300 -10.53 -10.29 1.70
C GLN B 300 -11.60 -11.37 1.69
N LEU B 301 -11.69 -12.11 0.58
CA LEU B 301 -12.66 -13.19 0.37
C LEU B 301 -12.51 -14.25 1.45
N MET B 302 -11.23 -14.56 1.80
CA MET B 302 -10.83 -15.49 2.86
C MET B 302 -11.42 -15.04 4.22
N ILE B 303 -11.23 -13.76 4.60
CA ILE B 303 -11.69 -13.22 5.89
C ILE B 303 -13.22 -13.11 5.87
N SER B 304 -13.77 -12.51 4.78
CA SER B 304 -15.21 -12.32 4.59
C SER B 304 -15.97 -13.63 4.83
N GLN B 305 -15.55 -14.74 4.16
CA GLN B 305 -16.15 -16.07 4.29
C GLN B 305 -16.01 -16.65 5.70
N LEU B 306 -14.85 -16.45 6.35
CA LEU B 306 -14.63 -16.93 7.71
C LEU B 306 -15.58 -16.19 8.66
N LEU B 307 -15.55 -14.82 8.64
CA LEU B 307 -16.39 -13.94 9.47
C LEU B 307 -17.86 -14.21 9.27
N HIS B 308 -18.32 -14.35 7.98
CA HIS B 308 -19.72 -14.63 7.65
C HIS B 308 -20.20 -15.96 8.21
N GLU B 309 -19.42 -17.06 8.03
CA GLU B 309 -19.77 -18.37 8.58
C GLU B 309 -19.77 -18.33 10.13
N TRP B 310 -18.78 -17.65 10.72
CA TRP B 310 -18.70 -17.52 12.17
C TRP B 310 -19.90 -16.81 12.79
N GLY B 311 -20.26 -15.69 12.21
CA GLY B 311 -21.24 -14.77 12.76
C GLY B 311 -20.53 -13.93 13.80
N GLU B 312 -21.21 -12.95 14.43
CA GLU B 312 -20.58 -12.16 15.51
C GLU B 312 -20.21 -13.06 16.70
N GLU B 313 -21.08 -14.06 17.00
CA GLU B 313 -20.94 -15.09 18.06
C GLU B 313 -19.62 -15.84 17.88
N GLY B 314 -19.40 -16.35 16.66
CA GLY B 314 -18.21 -17.11 16.31
C GLY B 314 -16.94 -16.32 16.50
N PHE B 315 -17.01 -15.03 16.06
CA PHE B 315 -15.96 -14.02 16.12
C PHE B 315 -15.54 -13.77 17.57
N MET B 316 -16.54 -13.53 18.44
CA MET B 316 -16.39 -13.22 19.86
C MET B 316 -15.76 -14.37 20.64
N ALA B 317 -16.15 -15.60 20.28
CA ALA B 317 -15.64 -16.86 20.83
C ALA B 317 -14.14 -16.98 20.50
N HIS B 318 -13.77 -16.67 19.24
CA HIS B 318 -12.37 -16.66 18.81
C HIS B 318 -11.56 -15.59 19.58
N VAL B 319 -12.07 -14.32 19.71
CA VAL B 319 -11.33 -13.30 20.48
C VAL B 319 -11.12 -13.72 21.94
N ASP B 320 -12.15 -14.38 22.53
CA ASP B 320 -12.09 -14.92 23.89
C ASP B 320 -11.00 -16.01 24.01
N ARG B 321 -10.84 -16.87 22.97
CA ARG B 321 -9.80 -17.90 22.94
C ARG B 321 -8.40 -17.22 22.89
N VAL B 322 -8.23 -16.24 21.98
CA VAL B 322 -7.00 -15.46 21.81
C VAL B 322 -6.61 -14.78 23.14
N ILE B 323 -7.53 -13.96 23.75
CA ILE B 323 -7.33 -13.24 25.04
C ILE B 323 -6.84 -14.20 26.15
N ASP B 324 -7.43 -15.42 26.20
CA ASP B 324 -7.12 -16.45 27.18
C ASP B 324 -5.64 -16.83 27.21
N PHE B 325 -5.04 -16.96 26.02
CA PHE B 325 -3.64 -17.30 25.84
C PHE B 325 -2.72 -16.16 26.32
N TYR B 326 -2.92 -14.92 25.80
CA TYR B 326 -2.12 -13.74 26.15
C TYR B 326 -2.18 -13.38 27.63
N SER B 327 -3.31 -13.68 28.29
CA SER B 327 -3.51 -13.43 29.72
C SER B 327 -2.58 -14.36 30.54
N ASN B 328 -2.47 -15.64 30.11
CA ASN B 328 -1.60 -16.63 30.72
C ASN B 328 -0.14 -16.24 30.50
N GLN B 329 0.17 -15.77 29.27
CA GLN B 329 1.49 -15.24 28.90
C GLN B 329 1.87 -14.01 29.76
N LYS B 330 0.89 -13.13 30.03
CA LYS B 330 1.05 -11.94 30.87
C LYS B 330 1.37 -12.36 32.32
N ASP B 331 0.70 -13.41 32.82
CA ASP B 331 0.94 -13.92 34.19
C ASP B 331 2.36 -14.48 34.34
N ALA B 332 2.82 -15.25 33.33
CA ALA B 332 4.16 -15.84 33.26
C ALA B 332 5.23 -14.73 33.26
N ILE B 333 5.09 -13.71 32.37
CA ILE B 333 6.06 -12.61 32.30
C ILE B 333 6.15 -11.86 33.64
N LEU B 334 4.99 -11.66 34.31
CA LEU B 334 4.89 -10.98 35.60
C LEU B 334 5.56 -11.76 36.72
N ALA B 335 5.47 -13.11 36.66
CA ALA B 335 6.09 -14.02 37.64
C ALA B 335 7.61 -13.97 37.48
N ALA B 336 8.10 -14.12 36.22
CA ALA B 336 9.52 -14.06 35.88
C ALA B 336 10.09 -12.67 36.27
N ALA B 337 9.32 -11.59 36.05
CA ALA B 337 9.69 -10.22 36.44
C ALA B 337 9.80 -10.11 37.96
N ASP B 338 8.85 -10.74 38.71
CA ASP B 338 8.83 -10.72 40.17
C ASP B 338 10.07 -11.40 40.77
N LYS B 339 10.35 -12.62 40.28
CA LYS B 339 11.46 -13.49 40.66
C LYS B 339 12.86 -12.84 40.58
N TRP B 340 13.17 -12.18 39.45
CA TRP B 340 14.49 -11.63 39.18
C TRP B 340 14.67 -10.14 39.24
N LEU B 341 13.69 -9.36 38.74
CA LEU B 341 13.79 -7.89 38.63
C LEU B 341 13.45 -7.08 39.89
N THR B 342 12.76 -7.67 40.87
CA THR B 342 12.40 -6.98 42.11
C THR B 342 13.68 -6.48 42.77
N GLY B 343 13.69 -5.18 43.07
CA GLY B 343 14.82 -4.47 43.66
C GLY B 343 15.66 -3.74 42.62
N LEU B 344 15.59 -4.20 41.34
CA LEU B 344 16.36 -3.68 40.21
C LEU B 344 15.53 -2.87 39.20
N ALA B 345 14.20 -3.05 39.21
CA ALA B 345 13.31 -2.39 38.25
C ALA B 345 11.90 -2.13 38.80
N GLU B 346 11.09 -1.37 38.04
CA GLU B 346 9.71 -1.02 38.34
C GLU B 346 8.88 -1.17 37.07
N TRP B 347 7.63 -1.64 37.21
CA TRP B 347 6.72 -1.87 36.08
C TRP B 347 5.27 -1.78 36.50
N HIS B 348 4.40 -1.48 35.54
CA HIS B 348 2.94 -1.47 35.71
C HIS B 348 2.36 -2.73 35.08
N VAL B 349 1.31 -3.28 35.68
CA VAL B 349 0.64 -4.45 35.11
C VAL B 349 -0.04 -4.04 33.78
N PRO B 350 0.27 -4.71 32.65
CA PRO B 350 -0.40 -4.34 31.38
C PRO B 350 -1.90 -4.64 31.39
N ALA B 351 -2.72 -3.64 30.98
CA ALA B 351 -4.18 -3.76 30.91
C ALA B 351 -4.64 -4.50 29.61
N ALA B 352 -3.83 -4.40 28.54
CA ALA B 352 -4.12 -5.00 27.24
C ALA B 352 -2.83 -5.19 26.43
N GLY B 353 -2.96 -5.95 25.34
CA GLY B 353 -1.88 -6.17 24.39
C GLY B 353 -0.93 -7.31 24.68
N MET B 354 0.36 -7.11 24.27
CA MET B 354 1.47 -8.08 24.38
C MET B 354 2.82 -7.55 24.92
N PHE B 355 2.84 -6.34 25.51
CA PHE B 355 4.09 -5.79 26.03
C PHE B 355 4.15 -5.50 27.54
N LEU B 356 5.36 -5.68 28.12
CA LEU B 356 5.70 -5.32 29.49
C LEU B 356 6.80 -4.26 29.41
N TRP B 357 6.52 -3.06 29.95
CA TRP B 357 7.39 -1.87 29.94
C TRP B 357 8.14 -1.79 31.28
N ILE B 358 9.45 -2.10 31.24
CA ILE B 358 10.34 -2.16 32.41
C ILE B 358 11.23 -0.91 32.56
N LYS B 359 11.24 -0.29 33.75
CA LYS B 359 12.12 0.84 34.06
C LYS B 359 13.22 0.35 34.95
N VAL B 360 14.46 0.37 34.47
CA VAL B 360 15.61 -0.06 35.27
C VAL B 360 15.94 1.05 36.28
N LYS B 361 15.86 0.72 37.58
CA LYS B 361 16.04 1.60 38.73
C LYS B 361 17.27 2.49 38.76
N GLY B 362 18.47 1.92 38.62
CA GLY B 362 19.73 2.66 38.71
C GLY B 362 20.23 3.39 37.48
N ILE B 363 20.44 2.64 36.39
CA ILE B 363 20.96 3.11 35.11
C ILE B 363 20.15 4.24 34.41
N ASN B 364 20.85 5.04 33.59
CA ASN B 364 20.30 6.16 32.84
C ASN B 364 20.06 5.79 31.38
N ASP B 365 20.97 4.97 30.78
CA ASP B 365 20.89 4.50 29.40
C ASP B 365 20.99 2.97 29.34
N VAL B 366 19.90 2.33 28.92
CA VAL B 366 19.78 0.87 28.83
C VAL B 366 20.27 0.30 27.45
N LYS B 367 20.63 1.19 26.51
CA LYS B 367 21.05 0.93 25.13
C LYS B 367 22.19 -0.05 24.84
N GLU B 368 23.44 0.18 25.33
CA GLU B 368 24.51 -0.78 25.02
C GLU B 368 24.30 -2.13 25.72
N LEU B 369 23.70 -2.10 26.91
CA LEU B 369 23.35 -3.26 27.74
C LEU B 369 22.45 -4.21 26.95
N ILE B 370 21.44 -3.66 26.22
CA ILE B 370 20.43 -4.39 25.45
C ILE B 370 20.79 -4.78 24.00
N GLU B 371 21.56 -3.92 23.30
CA GLU B 371 21.98 -4.12 21.90
C GLU B 371 23.35 -4.86 21.77
N GLU B 372 24.16 -4.86 22.83
CA GLU B 372 25.48 -5.48 22.74
C GLU B 372 25.63 -6.64 23.73
N LYS B 373 25.65 -6.32 25.04
CA LYS B 373 25.82 -7.25 26.14
C LYS B 373 24.77 -8.37 26.16
N ALA B 374 23.50 -8.02 25.86
CA ALA B 374 22.38 -8.97 25.87
C ALA B 374 22.32 -9.92 24.68
N VAL B 375 22.66 -9.44 23.46
CA VAL B 375 22.67 -10.25 22.24
C VAL B 375 23.80 -11.30 22.35
N LYS B 376 25.00 -10.87 22.80
CA LYS B 376 26.14 -11.75 23.07
C LYS B 376 25.66 -12.88 23.98
N MET B 377 24.92 -12.52 25.04
CA MET B 377 24.37 -13.49 25.98
C MET B 377 23.17 -14.32 25.49
N GLY B 378 22.70 -14.05 24.26
CA GLY B 378 21.62 -14.78 23.59
C GLY B 378 20.18 -14.40 23.88
N VAL B 379 19.93 -13.17 24.44
CA VAL B 379 18.58 -12.69 24.77
C VAL B 379 18.27 -11.39 24.00
N LEU B 380 17.10 -11.37 23.33
CA LEU B 380 16.64 -10.24 22.53
C LEU B 380 15.48 -9.53 23.16
N MET B 381 15.63 -8.19 23.28
CA MET B 381 14.67 -7.23 23.83
C MET B 381 14.91 -5.88 23.13
N LEU B 382 14.02 -4.88 23.35
CA LEU B 382 14.16 -3.54 22.75
C LEU B 382 14.41 -2.40 23.73
N PRO B 383 15.37 -1.49 23.49
CA PRO B 383 15.52 -0.34 24.39
C PRO B 383 14.50 0.75 24.09
N GLY B 384 14.11 1.48 25.13
CA GLY B 384 13.13 2.55 25.10
C GLY B 384 13.32 3.68 24.10
N ASN B 385 14.59 3.95 23.69
CA ASN B 385 15.01 5.01 22.75
C ASN B 385 14.08 5.14 21.53
N ALA B 386 13.74 4.01 20.89
CA ALA B 386 12.90 3.89 19.71
C ALA B 386 11.50 4.50 19.81
N PHE B 387 10.96 4.61 21.03
CA PHE B 387 9.59 5.05 21.27
C PHE B 387 9.46 6.53 21.61
N TYR B 388 10.51 7.30 21.29
CA TYR B 388 10.58 8.73 21.53
C TYR B 388 10.92 9.50 20.27
N VAL B 389 10.44 10.76 20.19
CA VAL B 389 10.73 11.68 19.08
C VAL B 389 12.25 11.93 19.07
N ASP B 390 12.83 12.18 20.26
CA ASP B 390 14.27 12.37 20.44
C ASP B 390 14.84 11.02 20.90
N SER B 391 15.12 10.14 19.92
CA SER B 391 15.64 8.79 20.15
C SER B 391 17.11 8.75 20.54
N SER B 392 17.80 9.92 20.46
CA SER B 392 19.21 10.07 20.81
C SER B 392 19.40 10.30 22.31
N ALA B 393 18.34 10.74 23.00
CA ALA B 393 18.34 10.95 24.43
C ALA B 393 18.44 9.58 25.15
N PRO B 394 19.14 9.50 26.30
CA PRO B 394 19.23 8.20 26.99
C PRO B 394 17.89 7.77 27.61
N SER B 395 17.63 6.44 27.66
CA SER B 395 16.39 5.86 28.20
C SER B 395 16.64 4.73 29.19
N PRO B 396 16.07 4.78 30.42
CA PRO B 396 16.29 3.68 31.37
C PRO B 396 15.31 2.50 31.16
N TYR B 397 14.33 2.69 30.26
CA TYR B 397 13.27 1.72 29.96
C TYR B 397 13.61 0.74 28.88
N LEU B 398 12.98 -0.44 28.94
CA LEU B 398 13.05 -1.44 27.91
C LEU B 398 11.69 -2.13 27.71
N ARG B 399 11.39 -2.55 26.48
CA ARG B 399 10.12 -3.20 26.15
C ARG B 399 10.31 -4.72 25.94
N ALA B 400 9.62 -5.52 26.76
CA ALA B 400 9.63 -6.98 26.71
C ALA B 400 8.31 -7.49 26.16
N SER B 401 8.37 -8.40 25.16
CA SER B 401 7.17 -8.96 24.55
C SER B 401 6.90 -10.36 25.07
N PHE B 402 5.65 -10.59 25.49
CA PHE B 402 5.20 -11.89 26.01
C PHE B 402 4.30 -12.65 25.01
N SER B 403 4.31 -12.29 23.72
CA SER B 403 3.45 -12.93 22.72
C SER B 403 3.88 -14.34 22.31
N SER B 404 5.16 -14.68 22.46
CA SER B 404 5.64 -15.99 21.98
C SER B 404 6.52 -16.80 22.92
N ALA B 405 7.38 -16.14 23.72
CA ALA B 405 8.31 -16.82 24.63
C ALA B 405 7.58 -17.77 25.61
N SER B 406 8.19 -18.92 25.89
CA SER B 406 7.62 -19.90 26.81
C SER B 406 7.85 -19.44 28.25
N PRO B 407 7.02 -19.89 29.24
CA PRO B 407 7.25 -19.46 30.63
C PRO B 407 8.68 -19.67 31.16
N GLU B 408 9.37 -20.71 30.67
CA GLU B 408 10.75 -21.01 31.03
C GLU B 408 11.75 -20.22 30.17
N GLN B 409 11.34 -19.79 28.95
CA GLN B 409 12.17 -18.92 28.08
C GLN B 409 12.26 -17.55 28.75
N MET B 410 11.15 -17.12 29.40
CA MET B 410 11.00 -15.88 30.16
C MET B 410 11.89 -15.88 31.38
N ASP B 411 11.87 -16.99 32.14
CA ASP B 411 12.68 -17.18 33.34
C ASP B 411 14.15 -17.06 33.01
N VAL B 412 14.62 -17.82 32.01
CA VAL B 412 16.01 -17.83 31.53
C VAL B 412 16.46 -16.42 31.11
N ALA B 413 15.63 -15.71 30.32
CA ALA B 413 15.92 -14.37 29.80
C ALA B 413 15.98 -13.28 30.86
N PHE B 414 15.02 -13.26 31.81
CA PHE B 414 14.98 -12.26 32.89
C PHE B 414 16.10 -12.49 33.90
N GLN B 415 16.65 -13.69 33.94
CA GLN B 415 17.79 -14.04 34.78
C GLN B 415 19.07 -13.41 34.18
N VAL B 416 19.17 -13.38 32.83
CA VAL B 416 20.26 -12.78 32.08
C VAL B 416 20.19 -11.25 32.25
N LEU B 417 18.96 -10.69 32.20
CA LEU B 417 18.70 -9.25 32.39
C LEU B 417 19.23 -8.81 33.75
N ALA B 418 18.84 -9.52 34.82
CA ALA B 418 19.28 -9.21 36.17
C ALA B 418 20.80 -9.14 36.30
N GLN B 419 21.54 -10.11 35.70
CA GLN B 419 23.01 -10.11 35.79
C GLN B 419 23.62 -8.89 35.12
N LEU B 420 23.09 -8.52 33.93
CA LEU B 420 23.55 -7.36 33.17
C LEU B 420 23.30 -6.06 33.93
N ILE B 421 22.12 -5.95 34.60
CA ILE B 421 21.74 -4.81 35.44
C ILE B 421 22.73 -4.72 36.60
N LYS B 422 22.98 -5.84 37.28
CA LYS B 422 23.92 -5.94 38.39
C LYS B 422 25.33 -5.54 38.04
N GLU B 423 25.76 -5.77 36.77
CA GLU B 423 27.09 -5.44 36.25
C GLU B 423 27.27 -3.91 36.13
N SER B 424 26.26 -3.23 35.55
CA SER B 424 26.24 -1.78 35.35
C SER B 424 26.17 -1.02 36.66
N LEU B 425 25.49 -1.58 37.68
CA LEU B 425 25.37 -0.95 39.00
C LEU B 425 26.67 -1.01 39.78
N LEU B 426 27.58 -1.93 39.41
CA LEU B 426 28.88 -2.08 40.06
C LEU B 426 29.86 -0.98 39.66
N VAL B 427 29.68 -0.39 38.47
CA VAL B 427 30.54 0.69 37.98
C VAL B 427 29.95 2.11 38.30
N PRO B 428 30.74 3.05 38.89
CA PRO B 428 30.19 4.39 39.22
C PRO B 428 29.80 5.22 37.99
C1 0X1 C . -7.94 -1.68 -12.92
C2 0X1 C . -9.31 -1.70 -12.77
C3 0X1 C . -9.58 -1.06 -15.07
C4 0X1 C . 0.29 0.49 -14.10
C5 0X1 C . -1.73 -0.47 -14.90
C6 0X1 C . -7.39 -1.34 -14.15
C7 0X1 C . -0.87 -0.22 -13.84
C8 0X1 C . -8.22 -1.02 -15.22
C9 0X1 C . -10.13 -1.40 -13.85
C10 0X1 C . -1.35 0.00 -16.15
C11 0X1 C . -0.17 0.70 -16.30
C12 0X1 C . -6.23 -0.61 -16.59
C13 0X1 C . -3.01 -1.23 -14.69
C14 0X1 C . -5.96 -1.28 -14.29
C15 0X1 C . -5.36 -0.93 -15.44
C16 0X1 C . 0.22 1.23 -17.64
C17 0X1 C . -1.14 -0.73 -12.45
N18 0X1 C . 0.66 0.98 -15.28
N19 0X1 C . -4.02 -0.82 -15.67
N20 0X1 C . -7.58 -0.68 -16.44
O21 0X1 C . 0.63 -3.69 -11.52
O22 0X1 C . -1.83 -4.04 -11.25
O23 0X1 C . -0.65 -2.12 -10.07
O24 0X1 C . -2.16 -0.21 -17.24
C25 0X1 C . -8.14 -0.29 -17.64
O26 0X1 C . -1.00 -2.14 -12.54
P27 0X1 C . -0.68 -3.06 -11.23
O28 0X1 C . -9.90 -2.05 -11.56
C29 0X1 C . -9.78 -1.09 -10.56
C30 0X1 C . -10.01 -1.48 -9.25
C31 0X1 C . -9.88 -0.56 -8.23
C32 0X1 C . -9.53 0.73 -8.51
C33 0X1 C . -9.32 1.12 -9.82
C34 0X1 C . -9.45 0.21 -10.85
N35 0X1 C . -7.05 -0.06 -18.44
O36 0X1 C . -9.32 -0.18 -17.96
N37 0X1 C . -5.88 -0.25 -17.78
C1 0X1 D . 5.71 -5.65 12.43
C2 0X1 D . 6.93 -6.29 12.27
C3 0X1 D . 7.50 -5.92 14.53
C4 0X1 D . -0.75 -0.04 14.10
C5 0X1 D . 0.87 -1.66 14.69
C6 0X1 D . 5.41 -5.11 13.66
C7 0X1 D . 0.07 -1.08 13.72
C8 0X1 D . 6.31 -5.24 14.69
C9 0X1 D . 7.81 -6.45 13.30
C10 0X1 D . 0.81 -1.12 15.97
C11 0X1 D . -0.04 -0.06 16.24
C12 0X1 D . 4.81 -4.01 16.15
C13 0X1 D . 1.76 -2.79 14.31
C14 0X1 D . 4.16 -4.39 13.86
C15 0X1 D . 3.83 -3.85 15.05
C16 0X1 D . -0.08 0.53 17.62
C17 0X1 D . 0.09 -1.57 12.32
N18 0X1 D . -0.83 0.49 15.32
N19 0X1 D . 2.68 -3.15 15.35
N20 0X1 D . 5.97 -4.68 15.93
O21 0X1 D . -2.62 -3.48 11.15
O22 0X1 D . -0.45 -4.77 10.80
O23 0X1 D . -0.71 -2.50 9.79
O24 0X1 D . 1.57 -1.63 17.00
C25 0X1 D . 6.70 -4.69 17.08
O26 0X1 D . -0.62 -2.78 12.31
P27 0X1 D . -1.13 -3.43 10.89
O28 0X1 D . 7.27 -6.84 11.05
C29 0X1 D . 7.64 -5.90 10.10
C30 0X1 D . 7.74 -6.36 8.81
C31 0X1 D . 8.11 -5.46 7.83
C32 0X1 D . 8.37 -4.13 8.13
C33 0X1 D . 8.27 -3.68 9.42
C34 0X1 D . 7.92 -4.58 10.40
N35 0X1 D . 5.89 -3.98 17.95
O36 0X1 D . 7.79 -5.20 17.29
N37 0X1 D . 4.73 -3.57 17.36
#